data_6L2K
#
_entry.id   6L2K
#
_cell.length_a   69.463
_cell.length_b   104.318
_cell.length_c   110.964
_cell.angle_alpha   90.000
_cell.angle_beta   90.000
_cell.angle_gamma   90.000
#
_symmetry.space_group_name_H-M   'P 21 21 21'
#
loop_
_entity.id
_entity.type
_entity.pdbx_description
1 polymer 'Ketol-acid reductoisomerase (NADP(+))'
2 non-polymer 'SULFATE ION'
3 non-polymer GLYCEROL
4 water water
#
_entity_poly.entity_id   1
_entity_poly.type   'polypeptide(L)'
_entity_poly.pdbx_seq_one_letter_code
;MTVQMEYEKDVKVAALDGKKIAVIGYGSQGHAHAQNLRDSGRDVIIGVEPGKSFDKAKEDGFDTYTVAEATKLADVIMIL
APDEIQQELYEAEIAPNLEAGNAVGFAHGFNIHFEFIKVPADVDVFMCAPKGPGHLVRRTYEEGFGVPALYAVYQDATGN
AKNIAMDWCKGVGAARVGLLETTYKEETEEDLFGEQAVLCGGLTALIEAGFEVLTEAGYAPELAYFEVLHEMKLIVDLIY
EGGFKKMRQSISNTAEYGDYVSGPRVITEQVKENMKAVLADIQNGKFANDFVNDYKAGRPKLTAYREQAANLEIEKVGAE
LRKAMPFVGKNDDDAFKIYN
;
_entity_poly.pdbx_strand_id   A,B
#
loop_
_chem_comp.id
_chem_comp.type
_chem_comp.name
_chem_comp.formula
GOL non-polymer GLYCEROL 'C3 H8 O3'
SO4 non-polymer 'SULFATE ION' 'O4 S -2'
#
# COMPACT_ATOMS: atom_id res chain seq x y z
N THR A 2 7.37 -27.39 3.35
CA THR A 2 7.77 -26.72 2.11
C THR A 2 6.64 -26.75 1.09
N VAL A 3 6.65 -25.77 0.19
CA VAL A 3 5.71 -25.74 -0.92
C VAL A 3 6.30 -24.94 -2.09
N GLN A 4 6.33 -25.54 -3.27
CA GLN A 4 6.86 -24.87 -4.45
C GLN A 4 5.74 -24.30 -5.31
N MET A 5 6.01 -23.16 -5.94
CA MET A 5 5.02 -22.58 -6.84
C MET A 5 4.95 -23.37 -8.14
N GLU A 6 3.74 -23.48 -8.69
CA GLU A 6 3.50 -24.31 -9.85
C GLU A 6 2.96 -23.49 -11.00
N TYR A 7 3.14 -23.99 -12.22
CA TYR A 7 2.77 -23.25 -13.41
C TYR A 7 2.06 -24.16 -14.41
N GLU A 8 1.87 -23.69 -15.64
CA GLU A 8 1.11 -24.44 -16.64
C GLU A 8 1.70 -25.83 -16.89
N LYS A 9 3.02 -25.92 -16.82
CA LYS A 9 3.73 -27.18 -17.03
C LYS A 9 3.45 -28.21 -15.93
N ASP A 10 2.86 -27.75 -14.83
CA ASP A 10 2.57 -28.62 -13.69
C ASP A 10 1.13 -29.09 -13.68
N VAL A 11 0.32 -28.53 -14.59
CA VAL A 11 -1.03 -29.02 -14.78
C VAL A 11 -0.95 -30.30 -15.63
N LYS A 12 -0.95 -31.45 -14.95
CA LYS A 12 -0.67 -32.74 -15.59
C LYS A 12 -1.80 -33.26 -16.47
N VAL A 13 -3.03 -32.94 -16.10
CA VAL A 13 -4.20 -33.45 -16.81
C VAL A 13 -5.16 -32.31 -17.14
N ALA A 14 -5.63 -32.26 -18.38
CA ALA A 14 -6.64 -31.28 -18.77
C ALA A 14 -8.01 -31.76 -18.33
N ALA A 15 -8.23 -31.76 -17.01
CA ALA A 15 -9.38 -32.43 -16.42
C ALA A 15 -10.72 -31.79 -16.77
N LEU A 16 -10.70 -30.54 -17.23
CA LEU A 16 -11.95 -29.88 -17.60
C LEU A 16 -12.38 -30.23 -19.03
N ASP A 17 -11.56 -31.03 -19.73
CA ASP A 17 -11.93 -31.51 -21.06
C ASP A 17 -13.27 -32.24 -21.02
N GLY A 18 -14.20 -31.81 -21.87
CA GLY A 18 -15.48 -32.48 -22.01
C GLY A 18 -16.46 -32.20 -20.90
N LYS A 19 -16.04 -31.44 -19.90
CA LYS A 19 -16.88 -31.12 -18.75
C LYS A 19 -17.88 -30.01 -19.10
N LYS A 20 -19.09 -30.11 -18.54
CA LYS A 20 -20.05 -29.04 -18.65
C LYS A 20 -19.95 -28.16 -17.39
N ILE A 21 -19.53 -26.92 -17.58
CA ILE A 21 -19.21 -26.03 -16.47
C ILE A 21 -20.28 -24.99 -16.21
N ALA A 22 -20.77 -24.94 -14.97
CA ALA A 22 -21.67 -23.88 -14.55
C ALA A 22 -20.99 -22.97 -13.52
N VAL A 23 -21.01 -21.67 -13.77
CA VAL A 23 -20.59 -20.70 -12.78
C VAL A 23 -21.81 -20.13 -12.11
N ILE A 24 -21.89 -20.25 -10.79
CA ILE A 24 -23.01 -19.72 -10.03
C ILE A 24 -22.71 -18.30 -9.57
N GLY A 25 -23.61 -17.37 -9.90
CA GLY A 25 -23.37 -15.96 -9.66
C GLY A 25 -22.66 -15.33 -10.84
N TYR A 26 -23.06 -14.11 -11.18
CA TYR A 26 -22.44 -13.40 -12.29
C TYR A 26 -22.06 -11.98 -11.88
N GLY A 27 -21.53 -11.84 -10.67
CA GLY A 27 -20.94 -10.60 -10.24
C GLY A 27 -19.60 -10.41 -10.93
N SER A 28 -18.72 -9.61 -10.34
CA SER A 28 -17.41 -9.40 -10.93
C SER A 28 -16.62 -10.70 -10.94
N GLN A 29 -16.70 -11.45 -9.83
CA GLN A 29 -15.97 -12.70 -9.68
C GLN A 29 -16.45 -13.73 -10.70
N GLY A 30 -17.77 -13.97 -10.71
CA GLY A 30 -18.37 -14.92 -11.63
C GLY A 30 -18.05 -14.60 -13.08
N HIS A 31 -18.18 -13.33 -13.44
CA HIS A 31 -17.91 -12.86 -14.79
C HIS A 31 -16.48 -13.18 -15.23
N ALA A 32 -15.52 -12.84 -14.37
CA ALA A 32 -14.12 -13.08 -14.69
C ALA A 32 -13.83 -14.56 -14.94
N HIS A 33 -14.33 -15.43 -14.04
CA HIS A 33 -14.09 -16.86 -14.19
C HIS A 33 -14.71 -17.38 -15.48
N ALA A 34 -16.00 -17.12 -15.66
CA ALA A 34 -16.75 -17.61 -16.81
C ALA A 34 -16.17 -17.14 -18.13
N GLN A 35 -15.86 -15.85 -18.23
CA GLN A 35 -15.29 -15.28 -19.45
C GLN A 35 -13.90 -15.83 -19.75
N ASN A 36 -13.06 -15.97 -18.72
CA ASN A 36 -11.71 -16.47 -18.90
C ASN A 36 -11.71 -17.92 -19.40
N LEU A 37 -12.57 -18.74 -18.81
CA LEU A 37 -12.65 -20.15 -19.18
C LEU A 37 -13.15 -20.32 -20.61
N ARG A 38 -14.10 -19.49 -21.01
CA ARG A 38 -14.64 -19.55 -22.36
C ARG A 38 -13.57 -19.21 -23.39
N ASP A 39 -12.76 -18.20 -23.08
CA ASP A 39 -11.69 -17.78 -23.97
C ASP A 39 -10.56 -18.81 -24.02
N SER A 40 -10.39 -19.54 -22.93
CA SER A 40 -9.41 -20.61 -22.87
C SER A 40 -9.88 -21.79 -23.71
N GLY A 41 -11.20 -21.91 -23.86
CA GLY A 41 -11.79 -22.97 -24.66
C GLY A 41 -12.50 -23.99 -23.81
N ARG A 42 -13.46 -23.54 -23.00
CA ARG A 42 -14.22 -24.41 -22.12
C ARG A 42 -15.71 -24.15 -22.24
N ASP A 43 -16.52 -25.16 -21.97
CA ASP A 43 -17.97 -25.08 -22.12
C ASP A 43 -18.62 -24.53 -20.86
N VAL A 44 -18.89 -23.23 -20.85
CA VAL A 44 -19.36 -22.53 -19.66
C VAL A 44 -20.78 -22.00 -19.78
N ILE A 45 -21.60 -22.29 -18.77
CA ILE A 45 -22.93 -21.73 -18.66
C ILE A 45 -23.06 -20.99 -17.33
N ILE A 46 -24.08 -20.14 -17.20
CA ILE A 46 -24.24 -19.33 -15.99
C ILE A 46 -25.54 -19.67 -15.27
N GLY A 47 -25.46 -19.82 -13.95
CA GLY A 47 -26.63 -20.07 -13.13
C GLY A 47 -26.87 -19.00 -12.09
N VAL A 48 -27.87 -18.15 -12.34
CA VAL A 48 -28.12 -17.01 -11.48
C VAL A 48 -29.62 -16.68 -11.44
N GLU A 49 -30.08 -16.16 -10.29
CA GLU A 49 -31.46 -15.70 -10.14
C GLU A 49 -31.77 -14.59 -11.14
N PRO A 50 -33.07 -14.42 -11.49
CA PRO A 50 -33.45 -13.40 -12.48
C PRO A 50 -33.06 -11.98 -12.07
N GLY A 51 -32.63 -11.18 -13.05
CA GLY A 51 -32.23 -9.81 -12.77
C GLY A 51 -31.25 -9.26 -13.80
N LYS A 52 -30.51 -8.22 -13.40
CA LYS A 52 -29.56 -7.56 -14.29
C LYS A 52 -28.43 -8.49 -14.72
N SER A 53 -27.89 -9.25 -13.76
CA SER A 53 -26.79 -10.17 -14.04
C SER A 53 -27.24 -11.24 -15.03
N PHE A 54 -28.44 -11.77 -14.83
CA PHE A 54 -29.03 -12.74 -15.73
C PHE A 54 -29.04 -12.17 -17.15
N ASP A 55 -29.61 -10.99 -17.31
CA ASP A 55 -29.72 -10.34 -18.61
C ASP A 55 -28.36 -10.04 -19.21
N LYS A 56 -27.44 -9.52 -18.41
CA LYS A 56 -26.10 -9.25 -18.90
C LYS A 56 -25.40 -10.54 -19.33
N ALA A 57 -25.66 -11.61 -18.59
CA ALA A 57 -25.10 -12.92 -18.92
C ALA A 57 -25.54 -13.35 -20.32
N LYS A 58 -26.82 -13.19 -20.62
CA LYS A 58 -27.31 -13.47 -21.97
C LYS A 58 -26.82 -12.42 -22.96
N GLU A 59 -26.63 -11.19 -22.49
CA GLU A 59 -26.04 -10.15 -23.32
C GLU A 59 -24.64 -10.53 -23.76
N ASP A 60 -23.89 -11.17 -22.86
CA ASP A 60 -22.52 -11.57 -23.15
C ASP A 60 -22.45 -12.83 -24.00
N GLY A 61 -23.59 -13.50 -24.16
CA GLY A 61 -23.67 -14.66 -25.03
C GLY A 61 -23.54 -15.99 -24.30
N PHE A 62 -23.85 -15.98 -23.01
CA PHE A 62 -23.80 -17.19 -22.21
C PHE A 62 -25.18 -17.83 -22.09
N ASP A 63 -25.24 -19.14 -22.30
CA ASP A 63 -26.46 -19.88 -22.03
C ASP A 63 -26.77 -19.73 -20.55
N THR A 64 -27.75 -18.89 -20.24
CA THR A 64 -28.06 -18.55 -18.86
C THR A 64 -29.32 -19.27 -18.38
N TYR A 65 -29.24 -19.82 -17.17
CA TYR A 65 -30.36 -20.56 -16.59
C TYR A 65 -30.53 -20.14 -15.13
N THR A 66 -31.52 -20.72 -14.45
CA THR A 66 -31.60 -20.54 -13.01
C THR A 66 -30.46 -21.30 -12.34
N VAL A 67 -30.27 -21.07 -11.05
CA VAL A 67 -29.21 -21.76 -10.31
C VAL A 67 -29.48 -23.26 -10.28
N ALA A 68 -30.74 -23.61 -10.06
CA ALA A 68 -31.15 -25.01 -9.98
C ALA A 68 -30.92 -25.75 -11.28
N GLU A 69 -31.30 -25.14 -12.40
CA GLU A 69 -31.22 -25.81 -13.69
C GLU A 69 -29.79 -25.88 -14.20
N ALA A 70 -29.02 -24.82 -13.95
CA ALA A 70 -27.61 -24.80 -14.34
C ALA A 70 -26.84 -25.89 -13.60
N THR A 71 -27.20 -26.12 -12.34
CA THR A 71 -26.59 -27.18 -11.56
C THR A 71 -26.96 -28.55 -12.13
N LYS A 72 -28.21 -28.68 -12.59
CA LYS A 72 -28.67 -29.91 -13.21
C LYS A 72 -27.83 -30.30 -14.41
N LEU A 73 -27.51 -29.31 -15.24
CA LEU A 73 -26.84 -29.57 -16.50
C LEU A 73 -25.35 -29.81 -16.36
N ALA A 74 -24.77 -29.41 -15.22
CA ALA A 74 -23.33 -29.25 -15.10
C ALA A 74 -22.59 -30.45 -14.52
N ASP A 75 -21.36 -30.64 -14.99
CA ASP A 75 -20.42 -31.58 -14.39
C ASP A 75 -19.63 -30.86 -13.30
N VAL A 76 -19.19 -29.65 -13.61
CA VAL A 76 -18.43 -28.83 -12.68
C VAL A 76 -19.20 -27.55 -12.34
N ILE A 77 -19.48 -27.35 -11.05
CA ILE A 77 -20.23 -26.20 -10.59
C ILE A 77 -19.39 -25.31 -9.65
N MET A 78 -19.05 -24.11 -10.12
CA MET A 78 -18.25 -23.18 -9.32
C MET A 78 -19.10 -22.09 -8.67
N ILE A 79 -19.18 -22.10 -7.34
CA ILE A 79 -20.04 -21.19 -6.61
C ILE A 79 -19.32 -19.89 -6.25
N LEU A 80 -19.68 -18.81 -6.93
CA LEU A 80 -19.05 -17.52 -6.70
C LEU A 80 -20.08 -16.49 -6.24
N ALA A 81 -20.56 -16.67 -5.01
CA ALA A 81 -21.51 -15.76 -4.39
C ALA A 81 -20.97 -15.39 -3.02
N PRO A 82 -21.50 -14.31 -2.41
CA PRO A 82 -21.04 -13.94 -1.06
C PRO A 82 -21.22 -15.06 -0.03
N ASP A 83 -20.23 -15.23 0.84
CA ASP A 83 -20.23 -16.26 1.87
C ASP A 83 -21.56 -16.39 2.62
N GLU A 84 -22.16 -15.25 2.95
CA GLU A 84 -23.31 -15.21 3.84
C GLU A 84 -24.60 -15.74 3.21
N ILE A 85 -24.67 -15.78 1.88
CA ILE A 85 -25.86 -16.32 1.21
C ILE A 85 -25.63 -17.72 0.61
N GLN A 86 -24.39 -18.22 0.67
CA GLN A 86 -24.07 -19.49 0.03
C GLN A 86 -24.84 -20.67 0.63
N GLN A 87 -24.99 -20.70 1.95
CA GLN A 87 -25.64 -21.85 2.60
C GLN A 87 -27.09 -21.99 2.14
N GLU A 88 -27.80 -20.86 2.16
CA GLU A 88 -29.19 -20.83 1.71
C GLU A 88 -29.27 -21.24 0.24
N LEU A 89 -28.46 -20.62 -0.60
CA LEU A 89 -28.46 -20.91 -2.03
C LEU A 89 -28.11 -22.36 -2.31
N TYR A 90 -27.17 -22.91 -1.55
CA TYR A 90 -26.73 -24.29 -1.77
C TYR A 90 -27.85 -25.27 -1.42
N GLU A 91 -28.43 -25.10 -0.24
CA GLU A 91 -29.42 -26.05 0.25
C GLU A 91 -30.66 -26.06 -0.63
N ALA A 92 -31.04 -24.88 -1.13
CA ALA A 92 -32.30 -24.72 -1.83
C ALA A 92 -32.22 -25.02 -3.33
N GLU A 93 -31.08 -24.74 -3.93
CA GLU A 93 -30.99 -24.78 -5.39
C GLU A 93 -29.91 -25.68 -5.96
N ILE A 94 -28.84 -25.89 -5.20
CA ILE A 94 -27.70 -26.64 -5.73
C ILE A 94 -27.71 -28.11 -5.28
N ALA A 95 -27.83 -28.33 -3.98
CA ALA A 95 -27.82 -29.69 -3.42
C ALA A 95 -28.83 -30.66 -4.05
N PRO A 96 -30.09 -30.23 -4.27
CA PRO A 96 -31.00 -31.23 -4.84
C PRO A 96 -30.70 -31.58 -6.30
N ASN A 97 -29.83 -30.81 -6.94
CA ASN A 97 -29.55 -31.03 -8.36
C ASN A 97 -28.13 -31.54 -8.62
N LEU A 98 -27.48 -32.06 -7.60
CA LEU A 98 -26.15 -32.67 -7.75
C LEU A 98 -26.24 -34.16 -8.09
N GLU A 99 -25.28 -34.66 -8.86
CA GLU A 99 -25.19 -36.08 -9.17
C GLU A 99 -23.81 -36.62 -8.80
N ALA A 100 -23.73 -37.92 -8.51
CA ALA A 100 -22.46 -38.56 -8.17
C ALA A 100 -21.43 -38.29 -9.26
N GLY A 101 -20.20 -37.98 -8.84
CA GLY A 101 -19.13 -37.72 -9.78
C GLY A 101 -19.10 -36.26 -10.25
N ASN A 102 -20.05 -35.45 -9.79
CA ASN A 102 -19.97 -34.02 -10.04
C ASN A 102 -18.80 -33.44 -9.27
N ALA A 103 -18.51 -32.16 -9.52
CA ALA A 103 -17.48 -31.43 -8.80
C ALA A 103 -17.98 -30.02 -8.46
N VAL A 104 -17.84 -29.63 -7.20
CA VAL A 104 -18.29 -28.32 -6.73
C VAL A 104 -17.08 -27.49 -6.31
N GLY A 105 -16.97 -26.29 -6.86
CA GLY A 105 -15.86 -25.41 -6.54
C GLY A 105 -16.26 -24.13 -5.81
N PHE A 106 -15.31 -23.61 -5.04
CA PHE A 106 -15.42 -22.33 -4.34
C PHE A 106 -14.14 -21.54 -4.57
N ALA A 107 -14.20 -20.22 -4.36
CA ALA A 107 -12.99 -19.40 -4.41
C ALA A 107 -12.54 -19.01 -3.00
N HIS A 108 -13.35 -19.34 -2.00
CA HIS A 108 -12.95 -19.17 -0.62
C HIS A 108 -13.58 -20.27 0.23
N GLY A 109 -12.80 -20.75 1.20
CA GLY A 109 -13.15 -21.97 1.90
C GLY A 109 -14.09 -21.86 3.09
N PHE A 110 -14.54 -20.64 3.40
CA PHE A 110 -15.34 -20.34 4.60
C PHE A 110 -16.46 -21.34 4.88
N ASN A 111 -17.39 -21.49 3.94
CA ASN A 111 -18.58 -22.27 4.26
C ASN A 111 -18.29 -23.77 4.35
N ILE A 112 -17.38 -24.24 3.52
CA ILE A 112 -16.98 -25.65 3.53
C ILE A 112 -16.12 -25.99 4.75
N HIS A 113 -15.16 -25.14 5.06
CA HIS A 113 -14.27 -25.39 6.19
C HIS A 113 -15.04 -25.37 7.52
N PHE A 114 -15.89 -24.36 7.71
CA PHE A 114 -16.66 -24.25 8.94
C PHE A 114 -17.95 -25.07 8.87
N GLU A 115 -18.10 -25.79 7.77
CA GLU A 115 -19.14 -26.81 7.62
C GLU A 115 -20.56 -26.24 7.71
N PHE A 116 -20.74 -25.01 7.24
CA PHE A 116 -22.06 -24.46 7.01
C PHE A 116 -22.67 -25.14 5.80
N ILE A 117 -21.81 -25.60 4.90
CA ILE A 117 -22.20 -26.42 3.76
C ILE A 117 -21.47 -27.77 3.82
N LYS A 118 -22.23 -28.85 3.65
CA LYS A 118 -21.66 -30.20 3.49
C LYS A 118 -22.08 -30.79 2.14
N VAL A 119 -21.11 -31.03 1.28
CA VAL A 119 -21.36 -31.58 -0.06
C VAL A 119 -21.32 -33.11 0.05
N PRO A 120 -22.25 -33.82 -0.65
CA PRO A 120 -22.27 -35.29 -0.58
C PRO A 120 -20.93 -35.92 -0.95
N ALA A 121 -20.58 -37.04 -0.33
CA ALA A 121 -19.24 -37.61 -0.43
C ALA A 121 -18.93 -38.30 -1.75
N ASP A 122 -19.89 -38.37 -2.66
CA ASP A 122 -19.60 -38.90 -3.99
C ASP A 122 -19.44 -37.74 -4.98
N VAL A 123 -19.28 -36.55 -4.42
CA VAL A 123 -19.08 -35.34 -5.21
C VAL A 123 -17.77 -34.65 -4.79
N ASP A 124 -16.93 -34.31 -5.75
CA ASP A 124 -15.68 -33.61 -5.47
C ASP A 124 -15.92 -32.19 -4.93
N VAL A 125 -15.05 -31.72 -4.04
CA VAL A 125 -15.06 -30.30 -3.67
C VAL A 125 -13.65 -29.74 -3.81
N PHE A 126 -13.50 -28.72 -4.64
CA PHE A 126 -12.20 -28.15 -4.93
C PHE A 126 -12.22 -26.64 -4.75
N MET A 127 -11.04 -26.04 -4.90
CA MET A 127 -10.92 -24.59 -4.77
CA MET A 127 -10.91 -24.59 -4.76
C MET A 127 -9.86 -24.02 -5.72
N CYS A 128 -10.20 -22.92 -6.36
CA CYS A 128 -9.22 -22.11 -7.08
CA CYS A 128 -9.25 -22.10 -7.10
C CYS A 128 -9.44 -20.67 -6.63
N ALA A 129 -8.45 -20.13 -5.93
CA ALA A 129 -8.61 -18.83 -5.27
C ALA A 129 -7.63 -17.79 -5.78
N PRO A 130 -7.97 -17.13 -6.90
CA PRO A 130 -7.12 -16.07 -7.42
C PRO A 130 -6.95 -14.98 -6.37
N LYS A 131 -5.75 -14.46 -6.23
CA LYS A 131 -5.49 -13.42 -5.25
C LYS A 131 -5.71 -12.06 -5.88
N GLY A 132 -6.94 -11.83 -6.33
CA GLY A 132 -7.28 -10.56 -6.93
C GLY A 132 -8.78 -10.41 -7.08
N PRO A 133 -9.25 -9.16 -7.23
CA PRO A 133 -10.65 -8.86 -7.49
C PRO A 133 -11.06 -9.28 -8.90
N GLY A 134 -12.35 -9.53 -9.11
CA GLY A 134 -12.84 -10.00 -10.40
C GLY A 134 -12.29 -9.26 -11.61
N HIS A 135 -12.32 -7.93 -11.58
CA HIS A 135 -11.92 -7.14 -12.75
C HIS A 135 -10.43 -7.33 -13.06
N LEU A 136 -9.61 -7.51 -12.04
CA LEU A 136 -8.19 -7.77 -12.25
C LEU A 136 -7.96 -9.18 -12.80
N VAL A 137 -8.81 -10.12 -12.38
CA VAL A 137 -8.68 -11.49 -12.85
C VAL A 137 -9.03 -11.55 -14.34
N ARG A 138 -10.08 -10.83 -14.74
CA ARG A 138 -10.46 -10.77 -16.14
C ARG A 138 -9.45 -9.97 -16.97
N ARG A 139 -9.04 -8.80 -16.47
CA ARG A 139 -8.18 -7.90 -17.23
C ARG A 139 -6.80 -8.48 -17.55
N THR A 140 -6.14 -9.01 -16.54
CA THR A 140 -4.79 -9.56 -16.70
C THR A 140 -4.82 -10.76 -17.66
N TYR A 141 -5.92 -11.51 -17.63
CA TYR A 141 -6.12 -12.61 -18.56
C TYR A 141 -6.19 -12.11 -20.00
N GLU A 142 -6.93 -11.02 -20.20
CA GLU A 142 -7.07 -10.42 -21.52
C GLU A 142 -5.72 -9.87 -22.00
N GLU A 143 -4.95 -9.33 -21.06
CA GLU A 143 -3.64 -8.78 -21.38
C GLU A 143 -2.61 -9.88 -21.64
N GLY A 144 -2.98 -11.12 -21.39
CA GLY A 144 -2.13 -12.25 -21.72
C GLY A 144 -1.50 -13.01 -20.57
N PHE A 145 -1.58 -12.48 -19.36
CA PHE A 145 -1.12 -13.24 -18.19
C PHE A 145 -2.27 -13.42 -17.21
N GLY A 146 -2.06 -13.16 -15.92
CA GLY A 146 -3.11 -13.36 -14.94
C GLY A 146 -2.80 -12.96 -13.50
N VAL A 147 -3.62 -13.46 -12.59
CA VAL A 147 -3.45 -13.27 -11.15
C VAL A 147 -3.10 -14.60 -10.49
N PRO A 148 -2.07 -14.63 -9.64
CA PRO A 148 -1.70 -15.90 -8.98
C PRO A 148 -2.80 -16.44 -8.07
N ALA A 149 -2.80 -17.74 -7.80
CA ALA A 149 -3.91 -18.35 -7.08
C ALA A 149 -3.48 -19.50 -6.20
N LEU A 150 -4.28 -19.73 -5.17
CA LEU A 150 -4.17 -20.94 -4.38
C LEU A 150 -5.14 -21.95 -4.95
N TYR A 151 -4.80 -23.23 -4.84
CA TYR A 151 -5.78 -24.26 -5.11
C TYR A 151 -5.78 -25.28 -3.98
N ALA A 152 -6.90 -25.97 -3.83
CA ALA A 152 -7.05 -26.95 -2.76
C ALA A 152 -8.17 -27.91 -3.08
N VAL A 153 -8.18 -29.01 -2.34
CA VAL A 153 -9.25 -29.99 -2.45
C VAL A 153 -9.70 -30.34 -1.04
N TYR A 154 -11.01 -30.25 -0.79
CA TYR A 154 -11.61 -30.65 0.48
C TYR A 154 -12.03 -32.12 0.51
N GLN A 155 -12.57 -32.61 -0.60
CA GLN A 155 -12.92 -34.03 -0.70
C GLN A 155 -12.77 -34.48 -2.15
N ASP A 156 -12.19 -35.65 -2.34
CA ASP A 156 -11.90 -36.15 -3.67
C ASP A 156 -12.58 -37.49 -3.80
N ALA A 157 -13.75 -37.48 -4.44
CA ALA A 157 -14.54 -38.69 -4.63
C ALA A 157 -14.12 -39.42 -5.90
N THR A 158 -13.77 -38.67 -6.94
CA THR A 158 -13.50 -39.24 -8.26
C THR A 158 -12.04 -39.59 -8.49
N GLY A 159 -11.15 -39.04 -7.67
CA GLY A 159 -9.73 -39.13 -7.91
C GLY A 159 -9.24 -38.06 -8.88
N ASN A 160 -10.17 -37.26 -9.39
CA ASN A 160 -9.85 -36.22 -10.37
C ASN A 160 -9.84 -34.78 -9.82
N ALA A 161 -10.15 -34.63 -8.54
CA ALA A 161 -10.41 -33.29 -7.97
C ALA A 161 -9.21 -32.32 -8.05
N LYS A 162 -8.01 -32.81 -7.76
CA LYS A 162 -6.84 -31.94 -7.81
C LYS A 162 -6.58 -31.48 -9.24
N ASN A 163 -6.75 -32.39 -10.20
CA ASN A 163 -6.52 -32.04 -11.58
C ASN A 163 -7.56 -31.06 -12.09
N ILE A 164 -8.79 -31.18 -11.58
CA ILE A 164 -9.85 -30.23 -11.90
C ILE A 164 -9.49 -28.85 -11.35
N ALA A 165 -9.08 -28.81 -10.09
CA ALA A 165 -8.71 -27.55 -9.45
C ALA A 165 -7.58 -26.84 -10.20
N MET A 166 -6.54 -27.59 -10.54
CA MET A 166 -5.39 -27.02 -11.24
C MET A 166 -5.76 -26.61 -12.66
N ASP A 167 -6.63 -27.38 -13.31
CA ASP A 167 -7.03 -27.04 -14.67
C ASP A 167 -7.96 -25.82 -14.67
N TRP A 168 -8.73 -25.66 -13.59
CA TRP A 168 -9.56 -24.48 -13.45
C TRP A 168 -8.67 -23.25 -13.30
N CYS A 169 -7.64 -23.37 -12.46
CA CYS A 169 -6.73 -22.26 -12.28
CA CYS A 169 -6.61 -22.35 -12.28
C CYS A 169 -5.94 -21.97 -13.59
N LYS A 170 -5.66 -23.00 -14.38
CA LYS A 170 -5.01 -22.77 -15.67
C LYS A 170 -5.99 -22.07 -16.61
N GLY A 171 -7.25 -22.51 -16.54
CA GLY A 171 -8.29 -21.97 -17.38
C GLY A 171 -8.62 -20.52 -17.14
N VAL A 172 -8.36 -20.01 -15.93
CA VAL A 172 -8.65 -18.62 -15.62
C VAL A 172 -7.41 -17.73 -15.69
N GLY A 173 -6.27 -18.32 -16.06
CA GLY A 173 -5.05 -17.59 -16.29
C GLY A 173 -4.05 -17.59 -15.14
N ALA A 174 -4.44 -18.14 -13.99
CA ALA A 174 -3.59 -18.10 -12.81
C ALA A 174 -2.31 -18.91 -12.97
N ALA A 175 -2.38 -20.00 -13.74
CA ALA A 175 -1.23 -20.86 -13.94
C ALA A 175 -0.15 -20.15 -14.76
N ARG A 176 -0.53 -19.09 -15.46
CA ARG A 176 0.42 -18.30 -16.24
C ARG A 176 1.39 -17.54 -15.34
N VAL A 177 1.01 -17.33 -14.08
CA VAL A 177 1.82 -16.50 -13.21
C VAL A 177 2.27 -17.18 -11.90
N GLY A 178 1.54 -18.21 -11.48
CA GLY A 178 1.96 -18.96 -10.30
C GLY A 178 0.83 -19.53 -9.47
N LEU A 179 0.97 -20.80 -9.07
CA LEU A 179 0.00 -21.51 -8.25
C LEU A 179 0.63 -22.03 -6.97
N LEU A 180 -0.13 -22.02 -5.87
CA LEU A 180 0.34 -22.61 -4.62
C LEU A 180 -0.75 -23.52 -4.06
N GLU A 181 -0.39 -24.78 -3.82
CA GLU A 181 -1.33 -25.72 -3.23
C GLU A 181 -1.52 -25.44 -1.76
N THR A 182 -2.74 -25.58 -1.28
CA THR A 182 -3.02 -25.37 0.13
C THR A 182 -4.11 -26.34 0.56
N THR A 183 -4.68 -26.14 1.74
CA THR A 183 -5.84 -26.92 2.17
C THR A 183 -6.98 -25.93 2.41
N TYR A 184 -8.20 -26.43 2.52
CA TYR A 184 -9.35 -25.56 2.79
C TYR A 184 -9.18 -24.85 4.14
N LYS A 185 -8.65 -25.58 5.11
CA LYS A 185 -8.44 -25.05 6.45
C LYS A 185 -7.42 -23.93 6.45
N GLU A 186 -6.28 -24.18 5.82
CA GLU A 186 -5.21 -23.20 5.79
C GLU A 186 -5.60 -21.96 4.98
N GLU A 187 -6.22 -22.16 3.82
CA GLU A 187 -6.63 -21.01 3.01
C GLU A 187 -7.61 -20.15 3.79
N THR A 188 -8.60 -20.78 4.40
CA THR A 188 -9.64 -20.04 5.11
C THR A 188 -9.08 -19.29 6.30
N GLU A 189 -8.25 -19.95 7.09
CA GLU A 189 -7.79 -19.35 8.34
C GLU A 189 -6.73 -18.27 8.07
N GLU A 190 -5.86 -18.49 7.10
CA GLU A 190 -4.84 -17.48 6.79
C GLU A 190 -5.49 -16.27 6.12
N ASP A 191 -6.46 -16.53 5.25
CA ASP A 191 -7.16 -15.45 4.54
C ASP A 191 -7.93 -14.56 5.49
N LEU A 192 -8.68 -15.17 6.41
CA LEU A 192 -9.38 -14.39 7.43
C LEU A 192 -8.36 -13.67 8.33
N PHE A 193 -7.29 -14.36 8.73
CA PHE A 193 -6.36 -13.73 9.65
C PHE A 193 -5.64 -12.55 9.01
N GLY A 194 -5.14 -12.74 7.79
CA GLY A 194 -4.46 -11.68 7.08
C GLY A 194 -5.29 -10.42 6.95
N GLU A 195 -6.51 -10.55 6.45
CA GLU A 195 -7.33 -9.35 6.24
C GLU A 195 -7.71 -8.70 7.57
N GLN A 196 -7.89 -9.49 8.61
CA GLN A 196 -8.28 -8.94 9.91
C GLN A 196 -7.11 -8.29 10.68
N ALA A 197 -6.00 -9.01 10.82
CA ALA A 197 -4.90 -8.54 11.65
C ALA A 197 -3.99 -7.55 10.93
N VAL A 198 -3.92 -7.62 9.61
CA VAL A 198 -2.92 -6.84 8.88
C VAL A 198 -3.51 -5.98 7.75
N LEU A 199 -3.99 -6.63 6.70
CA LEU A 199 -4.35 -5.94 5.45
C LEU A 199 -5.46 -4.90 5.60
N CYS A 200 -6.52 -5.24 6.31
CA CYS A 200 -7.68 -4.36 6.36
C CYS A 200 -7.91 -3.82 7.76
N GLY A 201 -8.24 -4.70 8.71
CA GLY A 201 -8.42 -4.27 10.09
C GLY A 201 -7.20 -3.57 10.68
N GLY A 202 -6.10 -4.29 10.81
CA GLY A 202 -4.87 -3.71 11.38
C GLY A 202 -4.46 -2.43 10.68
N LEU A 203 -4.45 -2.45 9.36
CA LEU A 203 -4.00 -1.30 8.59
C LEU A 203 -4.86 -0.05 8.84
N THR A 204 -6.17 -0.18 8.64
CA THR A 204 -7.04 0.98 8.81
C THR A 204 -7.01 1.48 10.24
N ALA A 205 -6.91 0.56 11.21
CA ALA A 205 -6.82 0.98 12.60
C ALA A 205 -5.50 1.71 12.90
N LEU A 206 -4.41 1.26 12.29
CA LEU A 206 -3.10 1.90 12.45
C LEU A 206 -3.12 3.31 11.87
N ILE A 207 -3.64 3.42 10.65
CA ILE A 207 -3.82 4.72 10.01
C ILE A 207 -4.67 5.66 10.88
N GLU A 208 -5.82 5.17 11.34
CA GLU A 208 -6.74 5.98 12.14
C GLU A 208 -6.11 6.41 13.47
N ALA A 209 -5.38 5.51 14.09
CA ALA A 209 -4.70 5.84 15.34
C ALA A 209 -3.67 6.95 15.13
N GLY A 210 -2.88 6.84 14.06
CA GLY A 210 -1.92 7.88 13.72
C GLY A 210 -2.56 9.23 13.48
N PHE A 211 -3.67 9.22 12.73
CA PHE A 211 -4.42 10.44 12.42
C PHE A 211 -4.94 11.11 13.70
N GLU A 212 -5.46 10.29 14.61
CA GLU A 212 -5.92 10.77 15.90
C GLU A 212 -4.82 11.40 16.73
N VAL A 213 -3.68 10.71 16.84
CA VAL A 213 -2.56 11.24 17.62
C VAL A 213 -2.15 12.62 17.11
N LEU A 214 -2.03 12.77 15.79
CA LEU A 214 -1.63 14.05 15.20
C LEU A 214 -2.66 15.15 15.40
N THR A 215 -3.92 14.86 15.07
CA THR A 215 -4.99 15.87 15.15
C THR A 215 -5.27 16.26 16.60
N GLU A 216 -5.16 15.30 17.52
CA GLU A 216 -5.37 15.57 18.93
C GLU A 216 -4.23 16.38 19.51
N ALA A 217 -3.04 16.21 18.96
CA ALA A 217 -1.88 16.99 19.36
C ALA A 217 -1.91 18.40 18.76
N GLY A 218 -2.83 18.65 17.85
CA GLY A 218 -3.03 19.99 17.33
C GLY A 218 -2.52 20.23 15.93
N TYR A 219 -2.01 19.18 15.29
CA TYR A 219 -1.59 19.29 13.90
C TYR A 219 -2.81 19.34 12.98
N ALA A 220 -2.65 19.96 11.82
CA ALA A 220 -3.79 20.14 10.91
C ALA A 220 -4.17 18.80 10.25
N PRO A 221 -5.47 18.47 10.28
CA PRO A 221 -6.00 17.23 9.70
C PRO A 221 -5.68 17.04 8.22
N GLU A 222 -5.70 18.11 7.42
CA GLU A 222 -5.37 17.99 6.00
C GLU A 222 -3.96 17.48 5.80
N LEU A 223 -3.04 17.99 6.61
CA LEU A 223 -1.66 17.60 6.49
C LEU A 223 -1.46 16.19 7.05
N ALA A 224 -2.15 15.88 8.14
CA ALA A 224 -2.10 14.52 8.71
C ALA A 224 -2.59 13.49 7.70
N TYR A 225 -3.57 13.85 6.89
CA TYR A 225 -4.09 12.95 5.85
C TYR A 225 -2.98 12.43 4.95
N PHE A 226 -2.10 13.33 4.53
CA PHE A 226 -1.02 12.94 3.64
C PHE A 226 0.00 12.06 4.34
N GLU A 227 0.23 12.33 5.63
CA GLU A 227 1.34 11.70 6.36
C GLU A 227 1.00 10.32 6.91
N VAL A 228 -0.28 9.97 6.99
CA VAL A 228 -0.62 8.63 7.46
C VAL A 228 -1.36 7.79 6.43
N LEU A 229 -1.79 8.41 5.33
CA LEU A 229 -2.64 7.71 4.37
C LEU A 229 -2.16 7.89 2.92
N HIS A 230 -2.18 9.11 2.41
CA HIS A 230 -1.89 9.35 1.01
C HIS A 230 -0.52 8.81 0.57
N GLU A 231 0.50 9.06 1.39
CA GLU A 231 1.86 8.65 1.06
C GLU A 231 2.11 7.16 1.30
N MET A 232 1.12 6.43 1.82
CA MET A 232 1.32 5.01 2.07
CA MET A 232 1.27 4.99 2.07
C MET A 232 1.41 4.21 0.77
N LYS A 233 0.72 4.67 -0.28
CA LYS A 233 0.74 3.98 -1.58
C LYS A 233 2.15 3.78 -2.12
N LEU A 234 2.95 4.84 -2.11
CA LEU A 234 4.35 4.79 -2.53
C LEU A 234 5.11 3.70 -1.79
N ILE A 235 4.96 3.69 -0.47
CA ILE A 235 5.65 2.73 0.39
C ILE A 235 5.24 1.28 0.10
N VAL A 236 3.93 1.04 0.03
CA VAL A 236 3.42 -0.30 -0.21
C VAL A 236 3.76 -0.78 -1.62
N ASP A 237 3.68 0.12 -2.60
CA ASP A 237 4.13 -0.22 -3.95
C ASP A 237 5.58 -0.71 -3.95
N LEU A 238 6.43 -0.07 -3.16
CA LEU A 238 7.83 -0.46 -3.03
C LEU A 238 8.01 -1.84 -2.38
N ILE A 239 7.27 -2.09 -1.31
CA ILE A 239 7.31 -3.38 -0.62
C ILE A 239 6.77 -4.49 -1.54
N TYR A 240 5.71 -4.16 -2.28
CA TYR A 240 5.13 -5.09 -3.25
C TYR A 240 6.17 -5.55 -4.28
N GLU A 241 6.95 -4.60 -4.78
CA GLU A 241 7.95 -4.86 -5.82
C GLU A 241 9.23 -5.49 -5.29
N GLY A 242 9.71 -5.03 -4.14
CA GLY A 242 11.01 -5.48 -3.65
C GLY A 242 11.15 -5.76 -2.16
N GLY A 243 10.03 -5.87 -1.45
CA GLY A 243 10.07 -6.20 -0.04
C GLY A 243 10.44 -4.99 0.83
N PHE A 244 10.67 -5.23 2.13
CA PHE A 244 11.10 -4.17 3.02
C PHE A 244 12.41 -3.57 2.52
N LYS A 245 13.26 -4.42 1.94
CA LYS A 245 14.59 -4.00 1.48
C LYS A 245 14.54 -2.87 0.48
N LYS A 246 13.71 -3.02 -0.55
CA LYS A 246 13.63 -1.99 -1.59
C LYS A 246 13.00 -0.71 -1.05
N MET A 247 11.98 -0.85 -0.21
CA MET A 247 11.31 0.30 0.36
C MET A 247 12.29 1.13 1.18
N ARG A 248 13.08 0.46 2.00
CA ARG A 248 13.97 1.14 2.93
C ARG A 248 15.21 1.73 2.24
N GLN A 249 15.53 1.21 1.06
CA GLN A 249 16.57 1.80 0.22
C GLN A 249 16.10 3.10 -0.40
N SER A 250 14.82 3.14 -0.75
CA SER A 250 14.26 4.27 -1.48
C SER A 250 13.92 5.47 -0.59
N ILE A 251 13.57 5.21 0.66
CA ILE A 251 13.30 6.30 1.59
C ILE A 251 14.60 6.88 2.13
N SER A 252 14.52 8.07 2.74
CA SER A 252 15.72 8.70 3.31
C SER A 252 16.26 7.86 4.45
N ASN A 253 17.54 8.04 4.80
CA ASN A 253 18.10 7.34 5.96
C ASN A 253 17.43 7.79 7.26
N THR A 254 16.97 9.05 7.29
CA THR A 254 16.22 9.52 8.46
C THR A 254 14.95 8.69 8.64
N ALA A 255 14.18 8.55 7.56
CA ALA A 255 12.97 7.75 7.57
C ALA A 255 13.28 6.29 7.87
N GLU A 256 14.34 5.76 7.26
CA GLU A 256 14.75 4.36 7.46
C GLU A 256 15.12 4.09 8.91
N TYR A 257 15.92 5.00 9.49
CA TYR A 257 16.29 4.89 10.89
C TYR A 257 15.04 4.94 11.78
N GLY A 258 14.17 5.91 11.51
CA GLY A 258 12.90 6.02 12.25
C GLY A 258 12.06 4.76 12.15
N ASP A 259 12.05 4.16 10.96
CA ASP A 259 11.35 2.89 10.73
C ASP A 259 11.85 1.84 11.72
N TYR A 260 13.17 1.63 11.73
CA TYR A 260 13.78 0.58 12.57
C TYR A 260 13.54 0.82 14.05
N VAL A 261 13.66 2.09 14.45
CA VAL A 261 13.55 2.46 15.85
C VAL A 261 12.11 2.50 16.36
N SER A 262 11.21 3.09 15.59
CA SER A 262 9.87 3.36 16.11
C SER A 262 8.85 2.28 15.80
N GLY A 263 9.05 1.57 14.69
CA GLY A 263 8.17 0.45 14.36
C GLY A 263 7.91 -0.46 15.55
N PRO A 264 8.99 -0.94 16.18
CA PRO A 264 8.88 -1.83 17.34
C PRO A 264 8.32 -1.20 18.61
N ARG A 265 8.37 0.13 18.72
CA ARG A 265 7.76 0.80 19.85
C ARG A 265 6.24 0.81 19.71
N VAL A 266 5.77 0.85 18.46
CA VAL A 266 4.32 0.90 18.18
C VAL A 266 3.72 -0.50 18.15
N ILE A 267 4.34 -1.39 17.37
CA ILE A 267 3.89 -2.76 17.29
C ILE A 267 4.76 -3.62 18.20
N THR A 268 4.23 -3.91 19.38
CA THR A 268 4.99 -4.53 20.44
C THR A 268 4.65 -6.01 20.56
N GLU A 269 5.27 -6.67 21.52
CA GLU A 269 4.93 -8.05 21.86
C GLU A 269 3.45 -8.17 22.22
N GLN A 270 2.92 -7.18 22.94
CA GLN A 270 1.52 -7.20 23.32
C GLN A 270 0.62 -7.16 22.09
N VAL A 271 1.00 -6.38 21.08
CA VAL A 271 0.25 -6.33 19.83
C VAL A 271 0.28 -7.70 19.16
N LYS A 272 1.43 -8.35 19.23
CA LYS A 272 1.56 -9.68 18.65
C LYS A 272 0.64 -10.67 19.38
N GLU A 273 0.52 -10.51 20.70
CA GLU A 273 -0.41 -11.30 21.48
C GLU A 273 -1.87 -11.02 21.08
N ASN A 274 -2.18 -9.75 20.83
CA ASN A 274 -3.51 -9.38 20.36
C ASN A 274 -3.85 -10.11 19.07
N MET A 275 -2.88 -10.17 18.16
CA MET A 275 -3.04 -10.90 16.91
C MET A 275 -3.28 -12.38 17.15
N LYS A 276 -2.59 -12.95 18.13
CA LYS A 276 -2.79 -14.36 18.44
C LYS A 276 -4.21 -14.62 18.91
N ALA A 277 -4.79 -13.67 19.63
CA ALA A 277 -6.18 -13.79 20.07
C ALA A 277 -7.13 -13.70 18.87
N VAL A 278 -6.81 -12.83 17.92
CA VAL A 278 -7.59 -12.74 16.70
C VAL A 278 -7.52 -14.08 15.93
N LEU A 279 -6.32 -14.65 15.83
CA LEU A 279 -6.15 -15.94 15.15
C LEU A 279 -6.96 -17.04 15.85
N ALA A 280 -6.96 -17.02 17.17
CA ALA A 280 -7.65 -18.05 17.95
C ALA A 280 -9.15 -18.05 17.65
N ASP A 281 -9.74 -16.86 17.52
CA ASP A 281 -11.18 -16.78 17.29
C ASP A 281 -11.53 -17.12 15.85
N ILE A 282 -10.53 -17.13 14.98
CA ILE A 282 -10.71 -17.65 13.62
C ILE A 282 -10.65 -19.17 13.61
N GLN A 283 -9.71 -19.73 14.35
CA GLN A 283 -9.53 -21.17 14.39
C GLN A 283 -10.67 -21.88 15.11
N ASN A 284 -11.23 -21.25 16.14
CA ASN A 284 -12.20 -21.95 16.99
C ASN A 284 -13.64 -21.76 16.52
N GLY A 285 -13.81 -21.04 15.41
CA GLY A 285 -15.13 -20.84 14.83
C GLY A 285 -15.90 -19.64 15.38
N LYS A 286 -15.35 -18.97 16.39
CA LYS A 286 -16.07 -17.87 17.01
C LYS A 286 -16.33 -16.72 16.04
N PHE A 287 -15.32 -16.32 15.28
CA PHE A 287 -15.52 -15.24 14.33
C PHE A 287 -16.57 -15.61 13.30
N ALA A 288 -16.46 -16.82 12.76
CA ALA A 288 -17.34 -17.29 11.70
C ALA A 288 -18.79 -17.26 12.18
N ASN A 289 -19.02 -17.75 13.39
CA ASN A 289 -20.36 -17.71 13.97
C ASN A 289 -20.84 -16.29 14.21
N ASP A 290 -19.94 -15.42 14.65
CA ASP A 290 -20.31 -14.02 14.90
C ASP A 290 -20.77 -13.34 13.62
N PHE A 291 -20.06 -13.60 12.52
CA PHE A 291 -20.39 -12.98 11.24
C PHE A 291 -21.73 -13.48 10.70
N VAL A 292 -21.93 -14.79 10.72
CA VAL A 292 -23.19 -15.38 10.24
C VAL A 292 -24.35 -14.95 11.13
N ASN A 293 -24.12 -14.87 12.44
CA ASN A 293 -25.16 -14.44 13.36
C ASN A 293 -25.54 -12.98 13.13
N ASP A 294 -24.56 -12.15 12.81
CA ASP A 294 -24.85 -10.75 12.54
C ASP A 294 -25.70 -10.65 11.28
N TYR A 295 -25.35 -11.45 10.27
CA TYR A 295 -26.11 -11.48 9.02
C TYR A 295 -27.55 -11.92 9.27
N LYS A 296 -27.73 -13.01 10.01
CA LYS A 296 -29.06 -13.54 10.30
C LYS A 296 -29.93 -12.56 11.08
N ALA A 297 -29.29 -11.69 11.86
CA ALA A 297 -30.01 -10.74 12.72
C ALA A 297 -30.29 -9.43 11.99
N GLY A 298 -29.98 -9.36 10.70
CA GLY A 298 -30.24 -8.15 9.94
C GLY A 298 -29.05 -7.19 9.89
N ARG A 299 -27.85 -7.74 10.10
CA ARG A 299 -26.62 -6.95 10.09
C ARG A 299 -26.57 -5.74 11.03
N PRO A 300 -26.98 -5.89 12.30
CA PRO A 300 -26.96 -4.69 13.16
C PRO A 300 -25.56 -4.20 13.49
N LYS A 301 -24.60 -5.11 13.67
CA LYS A 301 -23.25 -4.67 13.98
C LYS A 301 -22.60 -4.00 12.76
N LEU A 302 -22.77 -4.62 11.60
CA LEU A 302 -22.24 -4.08 10.35
C LEU A 302 -22.85 -2.69 10.08
N THR A 303 -24.14 -2.54 10.35
CA THR A 303 -24.81 -1.26 10.19
C THR A 303 -24.18 -0.16 11.03
N ALA A 304 -23.99 -0.44 12.32
CA ALA A 304 -23.40 0.53 13.23
C ALA A 304 -21.94 0.84 12.87
N TYR A 305 -21.19 -0.19 12.49
CA TYR A 305 -19.82 -0.01 12.07
C TYR A 305 -19.71 0.92 10.85
N ARG A 306 -20.59 0.68 9.88
CA ARG A 306 -20.57 1.43 8.61
C ARG A 306 -20.95 2.90 8.79
N GLU A 307 -21.97 3.16 9.60
CA GLU A 307 -22.38 4.54 9.87
C GLU A 307 -21.30 5.29 10.69
N GLN A 308 -20.67 4.60 11.63
CA GLN A 308 -19.54 5.18 12.36
C GLN A 308 -18.39 5.55 11.42
N ALA A 309 -18.05 4.66 10.50
CA ALA A 309 -16.92 4.87 9.58
C ALA A 309 -17.22 6.01 8.61
N ALA A 310 -18.51 6.23 8.33
CA ALA A 310 -18.92 7.32 7.45
C ALA A 310 -18.69 8.66 8.13
N ASN A 311 -18.58 8.66 9.45
CA ASN A 311 -18.43 9.90 10.21
C ASN A 311 -17.00 10.18 10.68
N LEU A 312 -16.05 9.34 10.27
CA LEU A 312 -14.65 9.56 10.65
C LEU A 312 -14.12 10.85 10.03
N GLU A 313 -13.38 11.62 10.82
CA GLU A 313 -12.81 12.87 10.34
CA GLU A 313 -12.81 12.87 10.34
C GLU A 313 -11.82 12.64 9.20
N ILE A 314 -11.06 11.54 9.26
CA ILE A 314 -10.09 11.27 8.20
C ILE A 314 -10.79 10.97 6.87
N GLU A 315 -12.03 10.49 6.96
CA GLU A 315 -12.79 10.13 5.77
C GLU A 315 -13.46 11.34 5.13
N LYS A 316 -13.84 12.30 5.97
CA LYS A 316 -14.43 13.54 5.49
C LYS A 316 -13.35 14.46 4.89
N VAL A 317 -12.27 14.66 5.64
CA VAL A 317 -11.13 15.43 5.14
C VAL A 317 -10.55 14.79 3.89
N GLY A 318 -10.39 13.47 3.92
CA GLY A 318 -9.85 12.74 2.79
C GLY A 318 -10.65 12.90 1.52
N ALA A 319 -11.97 12.84 1.65
CA ALA A 319 -12.85 12.99 0.50
C ALA A 319 -12.69 14.37 -0.13
N GLU A 320 -12.62 15.39 0.73
CA GLU A 320 -12.43 16.76 0.26
C GLU A 320 -11.07 16.94 -0.43
N LEU A 321 -10.01 16.38 0.14
CA LEU A 321 -8.68 16.55 -0.43
C LEU A 321 -8.55 15.81 -1.75
N ARG A 322 -9.13 14.62 -1.83
CA ARG A 322 -9.03 13.83 -3.06
C ARG A 322 -9.79 14.53 -4.19
N LYS A 323 -10.92 15.15 -3.83
CA LYS A 323 -11.66 16.01 -4.76
C LYS A 323 -10.76 17.10 -5.34
N ALA A 324 -9.93 17.69 -4.48
CA ALA A 324 -9.10 18.84 -4.84
C ALA A 324 -7.82 18.44 -5.56
N MET A 325 -7.64 17.15 -5.80
CA MET A 325 -6.49 16.63 -6.54
C MET A 325 -6.96 15.74 -7.69
N PRO A 326 -6.58 16.11 -8.93
CA PRO A 326 -7.02 15.44 -10.17
C PRO A 326 -7.03 13.92 -10.10
N VAL B 3 -6.62 25.20 6.44
CA VAL B 3 -5.75 25.42 5.28
C VAL B 3 -6.42 24.91 3.99
N GLN B 4 -6.35 25.71 2.93
CA GLN B 4 -6.91 25.31 1.64
C GLN B 4 -5.82 24.92 0.64
N MET B 5 -6.16 24.00 -0.27
CA MET B 5 -5.22 23.59 -1.30
C MET B 5 -5.00 24.73 -2.31
N GLU B 6 -3.75 24.88 -2.75
CA GLU B 6 -3.39 25.96 -3.68
C GLU B 6 -2.75 25.42 -4.95
N TYR B 7 -2.90 26.16 -6.05
CA TYR B 7 -2.46 25.68 -7.35
C TYR B 7 -1.66 26.76 -8.08
N GLU B 8 -1.35 26.53 -9.36
CA GLU B 8 -0.53 27.48 -10.12
C GLU B 8 -1.15 28.87 -10.14
N LYS B 9 -2.48 28.94 -10.16
CA LYS B 9 -3.17 30.23 -10.17
C LYS B 9 -2.96 30.99 -8.86
N ASP B 10 -2.58 30.28 -7.81
CA ASP B 10 -2.38 30.91 -6.50
C ASP B 10 -0.95 31.39 -6.33
N VAL B 11 -0.11 31.08 -7.30
CA VAL B 11 1.25 31.60 -7.28
C VAL B 11 1.25 32.99 -7.94
N LYS B 12 1.14 34.02 -7.12
CA LYS B 12 1.03 35.41 -7.59
C LYS B 12 2.27 35.87 -8.36
N VAL B 13 3.43 35.77 -7.71
CA VAL B 13 4.65 36.34 -8.26
C VAL B 13 5.64 35.26 -8.66
N ALA B 14 6.16 35.37 -9.88
CA ALA B 14 7.24 34.50 -10.33
C ALA B 14 8.53 34.95 -9.69
N ALA B 15 8.70 34.61 -8.42
CA ALA B 15 9.81 35.12 -7.62
C ALA B 15 11.17 34.56 -8.01
N LEU B 16 11.17 33.47 -8.79
CA LEU B 16 12.43 32.89 -9.23
C LEU B 16 12.93 33.54 -10.53
N ASP B 17 12.18 34.53 -11.01
CA ASP B 17 12.59 35.28 -12.20
C ASP B 17 13.89 36.04 -11.95
N GLY B 18 14.85 35.86 -12.85
CA GLY B 18 16.10 36.59 -12.77
C GLY B 18 17.05 36.04 -11.71
N LYS B 19 16.65 34.95 -11.07
CA LYS B 19 17.46 34.36 -10.01
C LYS B 19 18.39 33.28 -10.53
N LYS B 20 19.65 33.32 -10.09
CA LYS B 20 20.55 32.21 -10.35
C LYS B 20 20.33 31.16 -9.27
N ILE B 21 20.04 29.93 -9.71
CA ILE B 21 19.65 28.87 -8.79
C ILE B 21 20.71 27.77 -8.69
N ALA B 22 21.11 27.45 -7.47
CA ALA B 22 21.99 26.31 -7.25
C ALA B 22 21.26 25.21 -6.49
N VAL B 23 21.29 24.00 -7.05
CA VAL B 23 20.84 22.82 -6.35
C VAL B 23 22.04 22.10 -5.78
N ILE B 24 22.05 21.93 -4.46
CA ILE B 24 23.16 21.27 -3.79
C ILE B 24 22.84 19.79 -3.62
N GLY B 25 23.67 18.95 -4.22
CA GLY B 25 23.40 17.53 -4.24
C GLY B 25 22.79 17.10 -5.57
N TYR B 26 23.16 15.92 -6.04
CA TYR B 26 22.64 15.43 -7.30
C TYR B 26 22.31 13.94 -7.23
N GLY B 27 21.63 13.56 -6.15
CA GLY B 27 21.01 12.26 -6.08
C GLY B 27 19.68 12.33 -6.81
N SER B 28 18.78 11.40 -6.51
CA SER B 28 17.47 11.38 -7.15
CA SER B 28 17.47 11.38 -7.15
C SER B 28 16.69 12.65 -6.86
N GLN B 29 16.78 13.10 -5.61
CA GLN B 29 16.09 14.31 -5.17
C GLN B 29 16.65 15.55 -5.88
N GLY B 30 17.97 15.71 -5.83
CA GLY B 30 18.62 16.83 -6.48
C GLY B 30 18.32 16.86 -7.97
N HIS B 31 18.53 15.73 -8.63
CA HIS B 31 18.33 15.62 -10.08
C HIS B 31 16.89 15.97 -10.48
N ALA B 32 15.93 15.49 -9.69
CA ALA B 32 14.53 15.73 -10.00
C ALA B 32 14.18 17.21 -9.95
N HIS B 33 14.54 17.86 -8.85
CA HIS B 33 14.28 19.29 -8.70
C HIS B 33 14.96 20.10 -9.80
N ALA B 34 16.25 19.85 -10.00
CA ALA B 34 17.04 20.59 -10.96
C ALA B 34 16.52 20.44 -12.39
N GLN B 35 16.22 19.21 -12.77
CA GLN B 35 15.77 18.93 -14.12
C GLN B 35 14.37 19.52 -14.38
N ASN B 36 13.49 19.44 -13.38
CA ASN B 36 12.16 20.04 -13.49
C ASN B 36 12.22 21.56 -13.64
N LEU B 37 13.05 22.20 -12.82
CA LEU B 37 13.16 23.65 -12.86
C LEU B 37 13.80 24.13 -14.16
N ARG B 38 14.77 23.37 -14.66
CA ARG B 38 15.40 23.73 -15.93
C ARG B 38 14.37 23.61 -17.05
N ASP B 39 13.62 22.52 -17.05
CA ASP B 39 12.52 22.34 -18.00
C ASP B 39 11.49 23.45 -17.86
N SER B 40 11.34 23.97 -16.64
CA SER B 40 10.42 25.07 -16.39
C SER B 40 11.05 26.41 -16.76
N GLY B 41 12.29 26.37 -17.23
CA GLY B 41 12.94 27.56 -17.76
C GLY B 41 13.80 28.33 -16.78
N ARG B 42 14.13 27.71 -15.65
CA ARG B 42 14.89 28.41 -14.62
C ARG B 42 16.39 28.24 -14.83
N ASP B 43 17.15 29.21 -14.32
CA ASP B 43 18.60 29.25 -14.46
C ASP B 43 19.25 28.43 -13.35
N VAL B 44 19.47 27.14 -13.62
CA VAL B 44 19.91 26.20 -12.60
C VAL B 44 21.35 25.73 -12.79
N ILE B 45 22.14 25.85 -11.73
CA ILE B 45 23.46 25.23 -11.68
C ILE B 45 23.49 24.18 -10.58
N ILE B 46 24.48 23.30 -10.62
CA ILE B 46 24.60 22.20 -9.66
C ILE B 46 25.85 22.36 -8.79
N GLY B 47 25.67 22.21 -7.48
CA GLY B 47 26.79 22.21 -6.55
C GLY B 47 26.93 20.86 -5.88
N VAL B 48 28.06 20.20 -6.15
CA VAL B 48 28.28 18.86 -5.63
C VAL B 48 29.78 18.52 -5.62
N GLU B 49 30.18 17.64 -4.73
CA GLU B 49 31.55 17.17 -4.67
C GLU B 49 31.88 16.29 -5.87
N PRO B 50 33.15 16.24 -6.28
CA PRO B 50 33.59 15.29 -7.31
C PRO B 50 33.53 13.86 -6.76
N GLY B 51 33.24 12.87 -7.62
CA GLY B 51 32.94 13.11 -9.02
C GLY B 51 31.82 12.21 -9.49
N LYS B 52 31.47 11.22 -8.66
CA LYS B 52 30.36 10.32 -8.96
C LYS B 52 29.01 10.95 -8.61
N SER B 53 28.71 12.03 -9.33
CA SER B 53 27.48 12.82 -9.23
C SER B 53 27.78 14.08 -10.03
N PHE B 54 28.99 14.58 -9.81
CA PHE B 54 29.57 15.69 -10.56
C PHE B 54 29.54 15.41 -12.05
N ASP B 55 30.03 14.23 -12.43
CA ASP B 55 30.10 13.84 -13.83
C ASP B 55 28.71 13.63 -14.43
N LYS B 56 27.85 12.93 -13.70
CA LYS B 56 26.49 12.72 -14.16
C LYS B 56 25.78 14.05 -14.37
N ALA B 57 26.08 15.01 -13.50
CA ALA B 57 25.55 16.36 -13.63
C ALA B 57 26.06 17.04 -14.90
N LYS B 58 27.35 16.92 -15.15
CA LYS B 58 27.96 17.50 -16.35
C LYS B 58 27.45 16.79 -17.60
N GLU B 59 27.31 15.47 -17.52
CA GLU B 59 26.75 14.70 -18.61
C GLU B 59 25.35 15.17 -18.97
N ASP B 60 24.58 15.56 -17.94
CA ASP B 60 23.20 15.99 -18.14
C ASP B 60 23.13 17.42 -18.67
N GLY B 61 24.28 18.08 -18.74
CA GLY B 61 24.35 19.40 -19.36
C GLY B 61 24.25 20.57 -18.42
N PHE B 62 24.36 20.30 -17.12
CA PHE B 62 24.34 21.36 -16.12
C PHE B 62 25.72 21.99 -15.95
N ASP B 63 25.75 23.30 -15.76
CA ASP B 63 26.93 23.94 -15.21
C ASP B 63 27.11 23.36 -13.80
N THR B 64 28.20 22.64 -13.59
CA THR B 64 28.42 21.94 -12.32
C THR B 64 29.67 22.44 -11.61
N TYR B 65 29.52 22.86 -10.36
CA TYR B 65 30.63 23.42 -9.60
C TYR B 65 30.76 22.73 -8.26
N THR B 66 31.75 23.14 -7.47
CA THR B 66 31.82 22.69 -6.10
C THR B 66 30.65 23.30 -5.36
N VAL B 67 30.33 22.77 -4.19
CA VAL B 67 29.24 23.31 -3.39
C VAL B 67 29.51 24.77 -3.04
N ALA B 68 30.76 25.06 -2.68
CA ALA B 68 31.18 26.40 -2.32
C ALA B 68 31.00 27.39 -3.47
N GLU B 69 31.49 27.03 -4.65
CA GLU B 69 31.44 27.92 -5.79
C GLU B 69 30.02 28.09 -6.35
N ALA B 70 29.24 27.02 -6.31
CA ALA B 70 27.84 27.11 -6.76
C ALA B 70 27.07 28.09 -5.88
N THR B 71 27.28 28.01 -4.57
CA THR B 71 26.63 28.91 -3.61
C THR B 71 27.03 30.35 -3.88
N LYS B 72 28.31 30.55 -4.12
CA LYS B 72 28.86 31.87 -4.38
C LYS B 72 28.17 32.53 -5.56
N LEU B 73 27.88 31.73 -6.57
CA LEU B 73 27.25 32.24 -7.80
C LEU B 73 25.74 32.47 -7.67
N ALA B 74 25.12 31.85 -6.66
CA ALA B 74 23.66 31.72 -6.63
C ALA B 74 22.94 32.77 -5.79
N ASP B 75 21.72 33.10 -6.21
CA ASP B 75 20.77 33.88 -5.40
C ASP B 75 19.93 32.96 -4.54
N VAL B 76 19.52 31.82 -5.12
CA VAL B 76 18.74 30.82 -4.42
C VAL B 76 19.52 29.51 -4.34
N ILE B 77 19.63 28.97 -3.14
CA ILE B 77 20.38 27.74 -2.94
C ILE B 77 19.54 26.67 -2.25
N MET B 78 19.20 25.61 -2.99
CA MET B 78 18.38 24.53 -2.46
C MET B 78 19.25 23.35 -2.04
N ILE B 79 19.19 23.02 -0.76
CA ILE B 79 20.03 21.99 -0.22
C ILE B 79 19.28 20.65 -0.23
N LEU B 80 19.72 19.76 -1.10
CA LEU B 80 19.06 18.47 -1.29
C LEU B 80 20.03 17.32 -1.04
N ALA B 81 20.64 17.34 0.12
CA ALA B 81 21.57 16.29 0.53
C ALA B 81 20.97 15.58 1.74
N PRO B 82 21.43 14.36 2.04
CA PRO B 82 20.99 13.63 3.23
C PRO B 82 20.98 14.51 4.48
N ASP B 83 19.92 14.43 5.29
CA ASP B 83 19.81 15.22 6.52
C ASP B 83 21.07 15.20 7.38
N GLU B 84 21.66 14.02 7.54
CA GLU B 84 22.77 13.83 8.47
C GLU B 84 24.07 14.49 8.05
N ILE B 85 24.21 14.86 6.77
CA ILE B 85 25.45 15.49 6.31
C ILE B 85 25.27 16.98 6.03
N GLN B 86 24.04 17.49 6.11
CA GLN B 86 23.77 18.90 5.79
C GLN B 86 24.51 19.89 6.68
N GLN B 87 24.56 19.64 7.98
CA GLN B 87 25.19 20.60 8.89
C GLN B 87 26.67 20.80 8.57
N GLU B 88 27.39 19.70 8.35
CA GLU B 88 28.81 19.77 8.03
C GLU B 88 29.01 20.49 6.71
N LEU B 89 28.26 20.08 5.70
CA LEU B 89 28.29 20.69 4.38
C LEU B 89 27.94 22.18 4.43
N TYR B 90 26.92 22.54 5.20
CA TYR B 90 26.48 23.92 5.27
C TYR B 90 27.57 24.81 5.89
N GLU B 91 28.12 24.37 7.02
CA GLU B 91 29.10 25.16 7.75
C GLU B 91 30.36 25.38 6.93
N ALA B 92 30.79 24.36 6.21
CA ALA B 92 32.11 24.40 5.56
C ALA B 92 32.07 25.01 4.16
N GLU B 93 31.00 24.76 3.42
CA GLU B 93 30.98 25.09 2.00
CA GLU B 93 31.00 25.11 2.01
C GLU B 93 29.91 26.12 1.62
N ILE B 94 28.81 26.14 2.37
CA ILE B 94 27.69 27.00 2.01
C ILE B 94 27.69 28.33 2.75
N ALA B 95 27.68 28.28 4.07
CA ALA B 95 27.62 29.49 4.90
C ALA B 95 28.63 30.59 4.53
N PRO B 96 29.91 30.24 4.25
CA PRO B 96 30.87 31.31 3.91
C PRO B 96 30.54 32.05 2.62
N ASN B 97 29.69 31.45 1.79
CA ASN B 97 29.42 31.98 0.47
C ASN B 97 28.01 32.54 0.29
N LEU B 98 27.31 32.73 1.41
CA LEU B 98 26.01 33.40 1.39
C LEU B 98 26.19 34.92 1.39
N GLU B 99 25.24 35.61 0.80
CA GLU B 99 25.22 37.08 0.81
C GLU B 99 23.82 37.54 1.16
N ALA B 100 23.70 38.73 1.74
CA ALA B 100 22.40 39.25 2.17
C ALA B 100 21.40 39.22 1.01
N GLY B 101 20.17 38.81 1.31
CA GLY B 101 19.13 38.77 0.29
C GLY B 101 19.11 37.47 -0.49
N ASN B 102 20.07 36.58 -0.20
CA ASN B 102 20.02 35.23 -0.75
C ASN B 102 18.82 34.49 -0.16
N ALA B 103 18.50 33.34 -0.73
CA ALA B 103 17.49 32.46 -0.16
C ALA B 103 17.98 31.01 -0.15
N VAL B 104 17.84 30.37 1.00
CA VAL B 104 18.26 29.00 1.18
C VAL B 104 17.01 28.17 1.34
N GLY B 105 16.91 27.08 0.57
CA GLY B 105 15.78 26.19 0.64
C GLY B 105 16.12 24.76 1.05
N PHE B 106 15.11 24.06 1.56
CA PHE B 106 15.22 22.67 1.97
C PHE B 106 13.95 21.96 1.51
N ALA B 107 14.01 20.63 1.41
CA ALA B 107 12.82 19.86 1.09
C ALA B 107 12.29 19.19 2.35
N HIS B 108 13.03 19.33 3.44
CA HIS B 108 12.61 18.80 4.73
C HIS B 108 13.23 19.64 5.82
N GLY B 109 12.46 19.92 6.85
CA GLY B 109 12.85 20.90 7.84
C GLY B 109 13.75 20.44 8.97
N PHE B 110 14.18 19.17 8.95
CA PHE B 110 14.95 18.56 10.04
C PHE B 110 16.03 19.47 10.61
N ASN B 111 16.98 19.91 9.78
CA ASN B 111 18.14 20.61 10.30
C ASN B 111 17.79 22.02 10.78
N ILE B 112 16.88 22.68 10.07
CA ILE B 112 16.52 24.03 10.41
C ILE B 112 15.65 24.06 11.66
N HIS B 113 14.64 23.20 11.68
CA HIS B 113 13.76 23.13 12.83
C HIS B 113 14.51 22.78 14.12
N PHE B 114 15.33 21.73 14.09
CA PHE B 114 16.05 21.31 15.29
C PHE B 114 17.32 22.13 15.50
N GLU B 115 17.54 23.09 14.61
CA GLU B 115 18.55 24.13 14.71
C GLU B 115 19.99 23.59 14.69
N PHE B 116 20.19 22.49 13.97
CA PHE B 116 21.51 22.03 13.63
C PHE B 116 22.17 23.02 12.67
N ILE B 117 21.33 23.69 11.89
CA ILE B 117 21.76 24.76 11.00
C ILE B 117 21.04 26.06 11.35
N LYS B 118 21.80 27.15 11.47
CA LYS B 118 21.23 28.48 11.64
C LYS B 118 21.70 29.39 10.51
N VAL B 119 20.76 29.78 9.67
CA VAL B 119 21.05 30.62 8.51
C VAL B 119 20.99 32.09 8.93
N PRO B 120 21.93 32.93 8.43
CA PRO B 120 21.95 34.34 8.83
C PRO B 120 20.62 35.09 8.61
N ALA B 121 20.32 36.03 9.51
CA ALA B 121 19.04 36.72 9.55
C ALA B 121 18.74 37.63 8.35
N ASP B 122 19.71 37.88 7.49
CA ASP B 122 19.43 38.65 6.29
C ASP B 122 19.29 37.75 5.06
N VAL B 123 19.09 36.46 5.33
CA VAL B 123 18.91 35.47 4.27
C VAL B 123 17.60 34.68 4.50
N ASP B 124 16.79 34.57 3.45
CA ASP B 124 15.53 33.85 3.54
C ASP B 124 15.78 32.36 3.73
N VAL B 125 14.88 31.71 4.47
CA VAL B 125 14.88 30.25 4.52
C VAL B 125 13.47 29.77 4.19
N PHE B 126 13.37 28.97 3.13
CA PHE B 126 12.08 28.48 2.67
C PHE B 126 12.12 26.97 2.50
N MET B 127 10.95 26.40 2.22
CA MET B 127 10.83 24.97 1.96
C MET B 127 9.80 24.68 0.88
N CYS B 128 10.16 23.75 -0.01
CA CYS B 128 9.20 23.12 -0.91
CA CYS B 128 9.22 23.10 -0.92
C CYS B 128 9.42 21.61 -0.74
N ALA B 129 8.38 20.93 -0.28
CA ALA B 129 8.49 19.53 0.11
C ALA B 129 7.52 18.67 -0.68
N PRO B 130 7.91 18.28 -1.91
CA PRO B 130 7.07 17.38 -2.70
C PRO B 130 6.88 16.05 -1.98
N LYS B 131 5.67 15.52 -2.06
CA LYS B 131 5.35 14.29 -1.35
CA LYS B 131 5.37 14.28 -1.34
C LYS B 131 5.57 13.07 -2.22
N GLY B 132 6.83 12.81 -2.56
CA GLY B 132 7.19 11.66 -3.37
C GLY B 132 8.70 11.60 -3.52
N PRO B 133 9.22 10.44 -3.96
CA PRO B 133 10.65 10.28 -4.20
C PRO B 133 11.07 11.05 -5.46
N GLY B 134 12.37 11.32 -5.59
CA GLY B 134 12.87 12.06 -6.73
C GLY B 134 12.45 11.50 -8.07
N HIS B 135 12.57 10.19 -8.23
CA HIS B 135 12.12 9.49 -9.43
C HIS B 135 10.69 9.87 -9.79
N LEU B 136 9.83 9.89 -8.77
CA LEU B 136 8.43 10.21 -8.97
C LEU B 136 8.21 11.70 -9.28
N VAL B 137 8.96 12.57 -8.62
CA VAL B 137 8.86 14.00 -8.85
C VAL B 137 9.21 14.36 -10.29
N ARG B 138 10.24 13.70 -10.81
CA ARG B 138 10.66 13.92 -12.20
C ARG B 138 9.69 13.26 -13.18
N ARG B 139 9.31 12.02 -12.90
CA ARG B 139 8.45 11.26 -13.82
C ARG B 139 7.11 11.94 -14.06
N THR B 140 6.39 12.26 -12.98
CA THR B 140 5.10 12.91 -13.07
C THR B 140 5.23 14.25 -13.80
N TYR B 141 6.33 14.95 -13.56
CA TYR B 141 6.58 16.22 -14.24
C TYR B 141 6.65 16.03 -15.76
N GLU B 142 7.36 14.99 -16.19
CA GLU B 142 7.53 14.74 -17.61
C GLU B 142 6.21 14.35 -18.27
N GLU B 143 5.33 13.73 -17.50
CA GLU B 143 4.03 13.32 -18.00
C GLU B 143 3.02 14.47 -18.03
N GLY B 144 3.48 15.68 -17.67
CA GLY B 144 2.61 16.84 -17.64
C GLY B 144 1.82 16.92 -16.35
N PHE B 145 2.25 16.13 -15.38
CA PHE B 145 1.59 15.99 -14.09
C PHE B 145 2.54 16.49 -13.00
N GLY B 146 2.36 16.02 -11.77
CA GLY B 146 3.25 16.39 -10.70
C GLY B 146 2.93 15.67 -9.41
N VAL B 147 3.71 15.97 -8.38
CA VAL B 147 3.48 15.42 -7.05
C VAL B 147 3.08 16.57 -6.12
N PRO B 148 2.03 16.38 -5.29
CA PRO B 148 1.64 17.45 -4.36
C PRO B 148 2.77 17.80 -3.39
N ALA B 149 2.76 19.03 -2.89
CA ALA B 149 3.84 19.50 -2.03
C ALA B 149 3.37 20.39 -0.89
N LEU B 150 4.14 20.39 0.19
CA LEU B 150 4.00 21.39 1.22
C LEU B 150 4.99 22.50 0.96
N TYR B 151 4.64 23.71 1.37
CA TYR B 151 5.63 24.79 1.37
C TYR B 151 5.56 25.50 2.70
N ALA B 152 6.68 26.11 3.06
CA ALA B 152 6.79 26.82 4.33
C ALA B 152 7.92 27.82 4.28
N VAL B 153 7.90 28.75 5.24
CA VAL B 153 8.98 29.71 5.40
C VAL B 153 9.42 29.72 6.86
N TYR B 154 10.73 29.58 7.09
CA TYR B 154 11.25 29.63 8.45
C TYR B 154 11.63 31.05 8.87
N GLN B 155 12.25 31.77 7.96
CA GLN B 155 12.58 33.17 8.21
C GLN B 155 12.49 33.94 6.89
N ASP B 156 11.92 35.14 6.96
CA ASP B 156 11.67 35.94 5.77
C ASP B 156 12.36 37.27 5.94
N ALA B 157 13.54 37.40 5.33
CA ALA B 157 14.33 38.62 5.46
C ALA B 157 13.97 39.63 4.39
N THR B 158 13.68 39.14 3.18
CA THR B 158 13.45 40.02 2.04
C THR B 158 11.98 40.41 1.89
N GLY B 159 11.09 39.62 2.47
CA GLY B 159 9.67 39.78 2.24
C GLY B 159 9.22 38.96 1.05
N ASN B 160 10.17 38.32 0.39
CA ASN B 160 9.88 37.53 -0.81
C ASN B 160 9.93 36.00 -0.61
N ALA B 161 10.20 35.56 0.62
CA ALA B 161 10.39 34.13 0.90
C ALA B 161 9.20 33.23 0.52
N LYS B 162 7.98 33.66 0.83
CA LYS B 162 6.82 32.81 0.53
C LYS B 162 6.63 32.68 -0.99
N ASN B 163 6.77 33.79 -1.71
CA ASN B 163 6.66 33.75 -3.17
C ASN B 163 7.74 32.89 -3.79
N ILE B 164 8.92 32.90 -3.20
CA ILE B 164 10.02 32.07 -3.65
C ILE B 164 9.68 30.58 -3.46
N ALA B 165 9.14 30.27 -2.29
CA ALA B 165 8.79 28.88 -1.98
C ALA B 165 7.70 28.35 -2.92
N MET B 166 6.66 29.14 -3.10
CA MET B 166 5.56 28.75 -3.97
C MET B 166 5.99 28.65 -5.43
N ASP B 167 6.90 29.51 -5.87
CA ASP B 167 7.36 29.49 -7.25
C ASP B 167 8.27 28.30 -7.49
N TRP B 168 8.98 27.87 -6.44
CA TRP B 168 9.78 26.67 -6.53
C TRP B 168 8.86 25.45 -6.73
N CYS B 169 7.83 25.37 -5.90
CA CYS B 169 6.90 24.26 -6.01
CA CYS B 169 6.78 24.34 -5.99
C CYS B 169 6.20 24.26 -7.38
N LYS B 170 5.99 25.44 -7.96
CA LYS B 170 5.42 25.55 -9.29
C LYS B 170 6.42 25.07 -10.33
N GLY B 171 7.67 25.49 -10.17
CA GLY B 171 8.72 25.10 -11.10
C GLY B 171 8.98 23.61 -11.15
N VAL B 172 8.74 22.91 -10.04
CA VAL B 172 9.01 21.47 -10.00
C VAL B 172 7.76 20.64 -10.32
N GLY B 173 6.65 21.33 -10.62
CA GLY B 173 5.45 20.66 -11.08
C GLY B 173 4.39 20.41 -10.01
N ALA B 174 4.71 20.75 -8.77
CA ALA B 174 3.82 20.45 -7.65
C ALA B 174 2.52 21.27 -7.67
N ALA B 175 2.61 22.51 -8.11
CA ALA B 175 1.44 23.39 -8.15
C ALA B 175 0.40 22.91 -9.18
N ARG B 176 0.83 22.03 -10.09
CA ARG B 176 -0.09 21.42 -11.04
C ARG B 176 -1.14 20.55 -10.35
N VAL B 177 -0.80 20.02 -9.18
CA VAL B 177 -1.70 19.06 -8.52
C VAL B 177 -2.21 19.53 -7.16
N GLY B 178 -1.44 20.35 -6.45
CA GLY B 178 -1.92 20.87 -5.18
C GLY B 178 -0.82 21.17 -4.17
N LEU B 179 -0.93 22.34 -3.53
CA LEU B 179 0.02 22.80 -2.51
C LEU B 179 -0.67 23.07 -1.18
N LEU B 180 -0.01 22.73 -0.07
CA LEU B 180 -0.51 23.11 1.24
C LEU B 180 0.56 23.85 2.03
N GLU B 181 0.19 25.02 2.54
CA GLU B 181 1.09 25.79 3.40
C GLU B 181 1.17 25.16 4.77
N THR B 182 2.37 25.14 5.32
CA THR B 182 2.60 24.63 6.66
C THR B 182 3.68 25.48 7.33
N THR B 183 4.17 25.03 8.48
CA THR B 183 5.35 25.64 9.09
C THR B 183 6.51 24.64 9.07
N TYR B 184 7.73 25.12 9.33
CA TYR B 184 8.87 24.22 9.40
C TYR B 184 8.69 23.21 10.53
N LYS B 185 8.14 23.69 11.65
CA LYS B 185 7.88 22.84 12.80
C LYS B 185 6.88 21.72 12.50
N GLU B 186 5.72 22.08 11.96
CA GLU B 186 4.70 21.08 11.70
C GLU B 186 5.12 20.12 10.59
N GLU B 187 5.80 20.62 9.56
CA GLU B 187 6.25 19.72 8.51
C GLU B 187 7.24 18.71 9.08
N THR B 188 8.19 19.17 9.87
CA THR B 188 9.23 18.28 10.38
C THR B 188 8.64 17.23 11.28
N GLU B 189 7.80 17.66 12.24
CA GLU B 189 7.27 16.75 13.26
C GLU B 189 6.23 15.79 12.70
N GLU B 190 5.33 16.29 11.87
CA GLU B 190 4.32 15.42 11.25
C GLU B 190 4.94 14.43 10.28
N ASP B 191 5.96 14.87 9.55
CA ASP B 191 6.63 14.01 8.58
C ASP B 191 7.41 12.89 9.25
N LEU B 192 8.18 13.24 10.27
CA LEU B 192 8.87 12.20 11.06
C LEU B 192 7.86 11.26 11.74
N PHE B 193 6.78 11.81 12.29
CA PHE B 193 5.84 10.93 13.00
C PHE B 193 5.15 9.96 12.03
N GLY B 194 4.71 10.47 10.90
CA GLY B 194 3.98 9.65 9.94
C GLY B 194 4.82 8.47 9.50
N GLU B 195 6.05 8.73 9.10
CA GLU B 195 6.89 7.63 8.60
C GLU B 195 7.22 6.64 9.71
N GLN B 196 7.40 7.15 10.93
CA GLN B 196 7.79 6.31 12.05
C GLN B 196 6.63 5.48 12.60
N ALA B 197 5.49 6.12 12.87
CA ALA B 197 4.40 5.42 13.54
C ALA B 197 3.49 4.64 12.59
N VAL B 198 3.43 5.07 11.33
CA VAL B 198 2.44 4.51 10.40
C VAL B 198 3.00 3.98 9.09
N LEU B 199 3.55 4.87 8.26
CA LEU B 199 3.90 4.54 6.88
C LEU B 199 4.99 3.49 6.75
N CYS B 200 6.05 3.62 7.55
CA CYS B 200 7.22 2.77 7.38
C CYS B 200 7.45 1.90 8.60
N GLY B 201 7.72 2.52 9.74
CA GLY B 201 7.89 1.76 10.98
C GLY B 201 6.65 0.95 11.36
N GLY B 202 5.53 1.63 11.60
CA GLY B 202 4.30 0.94 11.99
C GLY B 202 3.93 -0.16 11.01
N LEU B 203 3.98 0.16 9.73
CA LEU B 203 3.54 -0.77 8.70
C LEU B 203 4.41 -2.01 8.65
N THR B 204 5.72 -1.83 8.51
CA THR B 204 6.60 -3.00 8.40
C THR B 204 6.51 -3.87 9.66
N ALA B 205 6.41 -3.25 10.82
CA ALA B 205 6.29 -4.00 12.07
C ALA B 205 4.98 -4.77 12.16
N LEU B 206 3.89 -4.17 11.66
CA LEU B 206 2.58 -4.81 11.61
C LEU B 206 2.60 -6.04 10.71
N ILE B 207 3.15 -5.88 9.52
CA ILE B 207 3.30 -6.98 8.58
C ILE B 207 4.16 -8.13 9.15
N GLU B 208 5.31 -7.78 9.72
CA GLU B 208 6.22 -8.75 10.32
C GLU B 208 5.57 -9.50 11.49
N ALA B 209 4.83 -8.78 12.32
CA ALA B 209 4.14 -9.42 13.43
C ALA B 209 3.09 -10.42 12.91
N GLY B 210 2.33 -10.02 11.88
CA GLY B 210 1.36 -10.92 11.28
C GLY B 210 1.99 -12.19 10.74
N PHE B 211 3.08 -12.00 10.00
CA PHE B 211 3.87 -13.10 9.42
C PHE B 211 4.39 -14.05 10.49
N GLU B 212 4.92 -13.49 11.57
CA GLU B 212 5.38 -14.30 12.70
C GLU B 212 4.26 -15.14 13.32
N VAL B 213 3.14 -14.50 13.63
CA VAL B 213 2.00 -15.20 14.21
C VAL B 213 1.60 -16.40 13.35
N LEU B 214 1.51 -16.18 12.03
CA LEU B 214 1.09 -17.26 11.13
C LEU B 214 2.14 -18.39 11.06
N THR B 215 3.40 -18.04 10.83
CA THR B 215 4.43 -19.06 10.67
C THR B 215 4.70 -19.79 11.98
N GLU B 216 4.60 -19.08 13.10
CA GLU B 216 4.80 -19.69 14.40
C GLU B 216 3.64 -20.59 14.77
N ALA B 217 2.47 -20.33 14.20
CA ALA B 217 1.30 -21.19 14.42
C ALA B 217 1.32 -22.42 13.51
N GLY B 218 2.24 -22.45 12.56
CA GLY B 218 2.41 -23.61 11.71
C GLY B 218 1.94 -23.47 10.27
N TYR B 219 1.43 -22.28 9.94
CA TYR B 219 1.00 -22.01 8.57
C TYR B 219 2.21 -21.81 7.67
N ALA B 220 2.07 -22.18 6.40
CA ALA B 220 3.19 -22.10 5.47
C ALA B 220 3.53 -20.63 5.17
N PRO B 221 4.84 -20.31 5.22
CA PRO B 221 5.30 -18.93 5.01
C PRO B 221 5.05 -18.40 3.60
N GLU B 222 5.13 -19.27 2.59
CA GLU B 222 4.81 -18.87 1.22
C GLU B 222 3.43 -18.25 1.16
N LEU B 223 2.47 -18.93 1.78
CA LEU B 223 1.10 -18.46 1.77
C LEU B 223 0.94 -17.27 2.71
N ALA B 224 1.69 -17.26 3.81
CA ALA B 224 1.65 -16.13 4.73
C ALA B 224 2.14 -14.86 4.06
N TYR B 225 3.14 -14.98 3.18
CA TYR B 225 3.65 -13.84 2.44
C TYR B 225 2.53 -13.11 1.69
N PHE B 226 1.70 -13.87 0.99
CA PHE B 226 0.63 -13.26 0.21
C PHE B 226 -0.41 -12.63 1.12
N GLU B 227 -0.68 -13.27 2.25
CA GLU B 227 -1.79 -12.84 3.12
C GLU B 227 -1.48 -11.60 3.95
N VAL B 228 -0.21 -11.28 4.14
CA VAL B 228 0.12 -10.10 4.96
C VAL B 228 0.89 -9.02 4.21
N LEU B 229 1.33 -9.33 2.99
CA LEU B 229 2.18 -8.38 2.26
C LEU B 229 1.71 -8.18 0.83
N HIS B 230 1.73 -9.25 0.04
CA HIS B 230 1.46 -9.14 -1.40
C HIS B 230 0.09 -8.51 -1.68
N GLU B 231 -0.94 -9.01 -1.01
CA GLU B 231 -2.31 -8.53 -1.24
C GLU B 231 -2.56 -7.14 -0.65
N MET B 232 -1.59 -6.59 0.07
CA MET B 232 -1.79 -5.27 0.67
C MET B 232 -1.86 -4.15 -0.38
N LYS B 233 -1.17 -4.33 -1.50
CA LYS B 233 -1.16 -3.29 -2.54
C LYS B 233 -2.56 -2.95 -3.04
N LEU B 234 -3.36 -3.99 -3.28
CA LEU B 234 -4.75 -3.80 -3.72
C LEU B 234 -5.51 -2.94 -2.73
N ILE B 235 -5.42 -3.29 -1.46
CA ILE B 235 -6.12 -2.59 -0.39
C ILE B 235 -5.71 -1.11 -0.30
N VAL B 236 -4.40 -0.85 -0.33
CA VAL B 236 -3.91 0.53 -0.20
C VAL B 236 -4.21 1.36 -1.45
N ASP B 237 -4.18 0.72 -2.61
CA ASP B 237 -4.60 1.39 -3.85
C ASP B 237 -6.05 1.88 -3.73
N LEU B 238 -6.89 1.06 -3.12
CA LEU B 238 -8.28 1.41 -2.90
C LEU B 238 -8.43 2.59 -1.93
N ILE B 239 -7.63 2.57 -0.85
CA ILE B 239 -7.69 3.64 0.15
C ILE B 239 -7.13 4.94 -0.42
N TYR B 240 -6.06 4.82 -1.20
CA TYR B 240 -5.46 5.97 -1.87
C TYR B 240 -6.48 6.69 -2.76
N GLU B 241 -7.28 5.91 -3.49
CA GLU B 241 -8.26 6.44 -4.43
C GLU B 241 -9.58 6.92 -3.80
N GLY B 242 -10.06 6.23 -2.78
CA GLY B 242 -11.37 6.53 -2.23
C GLY B 242 -11.53 6.38 -0.74
N GLY B 243 -10.42 6.32 -0.01
CA GLY B 243 -10.47 6.26 1.44
C GLY B 243 -10.82 4.87 1.95
N PHE B 244 -11.04 4.76 3.27
CA PHE B 244 -11.51 3.52 3.87
C PHE B 244 -12.82 3.10 3.22
N LYS B 245 -13.66 4.08 2.87
CA LYS B 245 -14.98 3.80 2.30
C LYS B 245 -14.90 2.95 1.06
N LYS B 246 -14.09 3.37 0.09
CA LYS B 246 -14.00 2.63 -1.17
C LYS B 246 -13.39 1.25 -0.96
N MET B 247 -12.37 1.17 -0.11
CA MET B 247 -11.74 -0.11 0.16
C MET B 247 -12.75 -1.10 0.73
N ARG B 248 -13.52 -0.66 1.71
CA ARG B 248 -14.44 -1.55 2.41
C ARG B 248 -15.69 -1.91 1.57
N GLN B 249 -16.02 -1.07 0.60
CA GLN B 249 -17.05 -1.40 -0.39
C GLN B 249 -16.56 -2.49 -1.33
N SER B 250 -15.26 -2.48 -1.61
CA SER B 250 -14.68 -3.36 -2.62
CA SER B 250 -14.70 -3.38 -2.62
C SER B 250 -14.39 -4.77 -2.08
N ILE B 251 -14.08 -4.87 -0.79
CA ILE B 251 -13.79 -6.18 -0.21
C ILE B 251 -15.10 -6.90 0.15
N SER B 252 -15.01 -8.21 0.40
CA SER B 252 -16.19 -9.01 0.74
C SER B 252 -16.79 -8.52 2.05
N ASN B 253 -18.05 -8.84 2.29
CA ASN B 253 -18.66 -8.45 3.55
C ASN B 253 -18.01 -9.18 4.72
N THR B 254 -17.53 -10.40 4.48
CA THR B 254 -16.76 -11.15 5.47
C THR B 254 -15.46 -10.43 5.88
N ALA B 255 -14.68 -10.01 4.88
CA ALA B 255 -13.48 -9.22 5.12
C ALA B 255 -13.81 -7.88 5.79
N GLU B 256 -14.88 -7.22 5.35
CA GLU B 256 -15.25 -5.91 5.88
C GLU B 256 -15.63 -6.04 7.36
N TYR B 257 -16.44 -7.05 7.67
CA TYR B 257 -16.81 -7.29 9.06
C TYR B 257 -15.57 -7.56 9.92
N GLY B 258 -14.69 -8.44 9.43
CA GLY B 258 -13.45 -8.74 10.11
C GLY B 258 -12.58 -7.52 10.37
N ASP B 259 -12.50 -6.64 9.37
CA ASP B 259 -11.83 -5.34 9.49
C ASP B 259 -12.36 -4.57 10.71
N TYR B 260 -13.67 -4.36 10.75
CA TYR B 260 -14.30 -3.58 11.82
C TYR B 260 -14.10 -4.18 13.20
N VAL B 261 -14.20 -5.50 13.31
CA VAL B 261 -14.11 -6.19 14.58
C VAL B 261 -12.66 -6.40 15.08
N SER B 262 -11.77 -6.82 14.20
CA SER B 262 -10.42 -7.20 14.63
C SER B 262 -9.39 -6.06 14.56
N GLY B 263 -9.64 -5.07 13.71
CA GLY B 263 -8.76 -3.90 13.67
C GLY B 263 -8.53 -3.27 15.03
N PRO B 264 -9.63 -3.00 15.77
CA PRO B 264 -9.53 -2.46 17.13
C PRO B 264 -8.97 -3.43 18.15
N ARG B 265 -9.03 -4.73 17.89
CA ARG B 265 -8.43 -5.69 18.81
C ARG B 265 -6.90 -5.68 18.72
N VAL B 266 -6.39 -5.37 17.53
CA VAL B 266 -4.96 -5.35 17.29
C VAL B 266 -4.36 -3.99 17.63
N ILE B 267 -4.97 -2.93 17.11
CA ILE B 267 -4.52 -1.58 17.38
C ILE B 267 -5.40 -0.95 18.46
N THR B 268 -4.91 -1.01 19.70
CA THR B 268 -5.68 -0.65 20.87
C THR B 268 -5.31 0.73 21.37
N GLU B 269 -5.97 1.15 22.45
CA GLU B 269 -5.62 2.40 23.12
C GLU B 269 -4.15 2.41 23.54
N GLN B 270 -3.64 1.25 23.97
CA GLN B 270 -2.25 1.14 24.37
C GLN B 270 -1.32 1.42 23.18
N VAL B 271 -1.71 0.97 22.00
CA VAL B 271 -0.91 1.23 20.80
C VAL B 271 -0.90 2.73 20.50
N LYS B 272 -2.04 3.37 20.71
CA LYS B 272 -2.16 4.81 20.51
C LYS B 272 -1.24 5.55 21.48
N GLU B 273 -1.16 5.06 22.71
CA GLU B 273 -0.24 5.61 23.71
C GLU B 273 1.22 5.43 23.29
N ASN B 274 1.53 4.29 22.67
CA ASN B 274 2.87 4.03 22.14
C ASN B 274 3.23 5.05 21.08
N MET B 275 2.27 5.36 20.20
CA MET B 275 2.44 6.40 19.19
C MET B 275 2.64 7.77 19.82
N LYS B 276 1.96 8.04 20.93
CA LYS B 276 2.14 9.34 21.59
C LYS B 276 3.57 9.49 22.12
N ALA B 277 4.15 8.40 22.59
CA ALA B 277 5.54 8.40 23.05
C ALA B 277 6.50 8.64 21.88
N VAL B 278 6.17 8.07 20.72
CA VAL B 278 6.97 8.28 19.52
C VAL B 278 6.92 9.76 19.12
N LEU B 279 5.72 10.32 19.10
CA LEU B 279 5.55 11.74 18.80
C LEU B 279 6.34 12.61 19.77
N ALA B 280 6.33 12.25 21.05
CA ALA B 280 6.98 13.06 22.07
C ALA B 280 8.48 13.13 21.84
N ASP B 281 9.08 12.00 21.46
CA ASP B 281 10.53 11.97 21.24
C ASP B 281 10.92 12.65 19.93
N ILE B 282 9.93 12.91 19.09
CA ILE B 282 10.14 13.73 17.91
C ILE B 282 10.09 15.21 18.30
N GLN B 283 9.10 15.56 19.11
CA GLN B 283 8.93 16.94 19.54
C GLN B 283 10.05 17.45 20.44
N ASN B 284 10.60 16.57 21.29
CA ASN B 284 11.55 17.02 22.29
C ASN B 284 12.99 16.92 21.79
N GLY B 285 13.14 16.55 20.52
CA GLY B 285 14.47 16.46 19.92
C GLY B 285 15.29 15.21 20.23
N LYS B 286 14.73 14.28 21.00
CA LYS B 286 15.48 13.08 21.36
C LYS B 286 15.76 12.21 20.13
N PHE B 287 14.74 12.02 19.28
CA PHE B 287 14.96 11.24 18.07
C PHE B 287 16.01 11.87 17.18
N ALA B 288 15.90 13.18 16.96
CA ALA B 288 16.82 13.90 16.09
C ALA B 288 18.27 13.71 16.53
N ASN B 289 18.51 13.89 17.83
CA ASN B 289 19.83 13.69 18.40
C ASN B 289 20.30 12.24 18.25
N ASP B 290 19.40 11.29 18.46
CA ASP B 290 19.75 9.87 18.30
CA ASP B 290 19.75 9.87 18.31
C ASP B 290 20.21 9.58 16.89
N PHE B 291 19.49 10.12 15.90
CA PHE B 291 19.85 9.89 14.50
C PHE B 291 21.21 10.46 14.15
N VAL B 292 21.44 11.71 14.52
CA VAL B 292 22.70 12.36 14.21
C VAL B 292 23.84 11.73 14.99
N ASN B 293 23.58 11.36 16.24
CA ASN B 293 24.60 10.69 17.04
C ASN B 293 24.97 9.32 16.46
N ASP B 294 23.99 8.61 15.91
CA ASP B 294 24.29 7.34 15.27
C ASP B 294 25.19 7.59 14.05
N TYR B 295 24.89 8.64 13.29
CA TYR B 295 25.70 8.97 12.13
C TYR B 295 27.14 9.31 12.53
N LYS B 296 27.28 10.17 13.54
CA LYS B 296 28.59 10.60 14.00
C LYS B 296 29.42 9.43 14.53
N ALA B 297 28.74 8.40 15.02
CA ALA B 297 29.45 7.24 15.58
C ALA B 297 29.75 6.19 14.52
N GLY B 298 29.45 6.49 13.27
CA GLY B 298 29.70 5.56 12.18
C GLY B 298 28.54 4.64 11.84
N ARG B 299 27.33 5.12 12.12
CA ARG B 299 26.10 4.35 11.88
C ARG B 299 26.04 2.93 12.49
N PRO B 300 26.44 2.75 13.77
CA PRO B 300 26.41 1.39 14.32
C PRO B 300 24.99 0.83 14.52
N LYS B 301 24.03 1.66 14.88
CA LYS B 301 22.67 1.14 15.04
C LYS B 301 22.09 0.81 13.67
N LEU B 302 22.26 1.72 12.71
CA LEU B 302 21.75 1.49 11.37
C LEU B 302 22.35 0.22 10.76
N THR B 303 23.64 0.00 11.02
CA THR B 303 24.34 -1.18 10.56
C THR B 303 23.70 -2.47 11.07
N ALA B 304 23.46 -2.52 12.37
CA ALA B 304 22.89 -3.71 12.99
C ALA B 304 21.45 -3.93 12.50
N TYR B 305 20.68 -2.85 12.43
CA TYR B 305 19.31 -2.91 11.93
C TYR B 305 19.23 -3.44 10.50
N ARG B 306 20.12 -2.94 9.64
CA ARG B 306 20.12 -3.32 8.23
C ARG B 306 20.48 -4.78 8.02
N GLU B 307 21.46 -5.28 8.78
CA GLU B 307 21.84 -6.69 8.71
C GLU B 307 20.76 -7.60 9.27
N GLN B 308 20.12 -7.20 10.37
CA GLN B 308 19.01 -7.97 10.91
C GLN B 308 17.87 -8.08 9.89
N ALA B 309 17.55 -6.96 9.23
CA ALA B 309 16.45 -6.93 8.26
C ALA B 309 16.73 -7.80 7.04
N ALA B 310 18.01 -7.96 6.72
CA ALA B 310 18.41 -8.78 5.58
C ALA B 310 18.21 -10.26 5.89
N ASN B 311 18.10 -10.61 7.17
CA ASN B 311 17.93 -12.01 7.56
C ASN B 311 16.50 -12.37 7.93
N LEU B 312 15.56 -11.45 7.70
CA LEU B 312 14.14 -11.73 7.99
C LEU B 312 13.61 -12.85 7.08
N GLU B 313 12.92 -13.82 7.66
CA GLU B 313 12.32 -14.89 6.87
C GLU B 313 11.37 -14.34 5.80
N ILE B 314 10.58 -13.33 6.15
CA ILE B 314 9.63 -12.76 5.18
C ILE B 314 10.37 -12.09 4.01
N GLU B 315 11.61 -11.66 4.24
CA GLU B 315 12.40 -11.04 3.19
C GLU B 315 13.03 -12.09 2.28
N LYS B 316 13.46 -13.20 2.86
CA LYS B 316 14.02 -14.31 2.10
C LYS B 316 12.93 -15.01 1.26
N VAL B 317 11.86 -15.40 1.94
CA VAL B 317 10.73 -16.04 1.27
C VAL B 317 10.15 -15.12 0.21
N GLY B 318 9.99 -13.84 0.55
CA GLY B 318 9.43 -12.88 -0.38
C GLY B 318 10.26 -12.66 -1.62
N ALA B 319 11.58 -12.64 -1.46
CA ALA B 319 12.47 -12.48 -2.60
C ALA B 319 12.36 -13.68 -3.54
N GLU B 320 12.30 -14.88 -2.97
CA GLU B 320 12.16 -16.10 -3.76
C GLU B 320 10.81 -16.17 -4.46
N LEU B 321 9.76 -15.68 -3.78
CA LEU B 321 8.43 -15.67 -4.38
C LEU B 321 8.33 -14.63 -5.48
N ARG B 322 8.92 -13.45 -5.26
CA ARG B 322 8.89 -12.41 -6.27
C ARG B 322 9.76 -12.79 -7.47
N LYS B 323 10.79 -13.60 -7.25
CA LYS B 323 11.58 -14.12 -8.36
C LYS B 323 10.75 -15.08 -9.21
N ALA B 324 9.86 -15.80 -8.54
CA ALA B 324 9.02 -16.80 -9.20
C ALA B 324 7.82 -16.16 -9.91
N MET B 325 7.67 -14.85 -9.76
CA MET B 325 6.58 -14.12 -10.39
C MET B 325 7.09 -12.92 -11.19
N PRO B 326 6.75 -12.85 -12.49
CA PRO B 326 7.26 -11.82 -13.40
C PRO B 326 6.84 -10.39 -13.04
N PHE B 327 5.69 -9.98 -13.55
CA PHE B 327 5.08 -8.66 -13.33
C PHE B 327 5.45 -7.96 -12.02
S SO4 C . -24.08 -4.80 0.87
O1 SO4 C . -22.86 -5.04 1.63
O2 SO4 C . -25.23 -5.23 1.66
O3 SO4 C . -24.02 -5.55 -0.38
O4 SO4 C . -24.24 -3.38 0.58
C1 GOL D . 19.73 9.00 2.34
O1 GOL D . 20.78 9.16 1.41
C2 GOL D . 19.34 10.36 2.91
O2 GOL D . 18.05 10.70 2.51
C3 GOL D . 19.51 10.40 4.44
O3 GOL D . 18.75 11.41 5.08
S SO4 E . 23.72 4.81 2.79
O1 SO4 E . 22.40 4.71 3.39
O2 SO4 E . 24.60 5.52 3.70
O3 SO4 E . 23.61 5.56 1.53
O4 SO4 E . 24.27 3.49 2.52
S SO4 F . 18.97 11.02 -2.54
O1 SO4 F . 20.16 11.53 -1.86
O2 SO4 F . 17.97 10.62 -1.55
O3 SO4 F . 19.36 9.85 -3.34
O4 SO4 F . 18.41 12.04 -3.40
#